data_1NOP
#
_entry.id   1NOP
#
_cell.length_a   49.803
_cell.length_b   104.719
_cell.length_c   193.924
_cell.angle_alpha   90.00
_cell.angle_beta   90.00
_cell.angle_gamma   90.00
#
_symmetry.space_group_name_H-M   'P 21 21 21'
#
loop_
_entity.id
_entity.type
_entity.pdbx_description
1 polymer "5'-D(*AP*GP*AP*GP*TP*T)-3'"
2 polymer 'tyrosyl-DNA phosphodiesterase 1'
3 polymer 'topoisomerase I-derived peptide'
4 non-polymer 'VANADATE ION'
5 water water
#
loop_
_entity_poly.entity_id
_entity_poly.type
_entity_poly.pdbx_seq_one_letter_code
_entity_poly.pdbx_strand_id
1 'polydeoxyribonucleotide' (DA)(DG)(DA)(DG)(DT)(DT) D,F
2 'polypeptide(L)'
;MGSSHHHHHHSSGLVPRGSHMLEDPGEGQDIWDMLDKGNPFQFYLTRVSGVKPKYNSGALHIKDILSPLFGTLVSSAQFN
YCFDVDWLVKQYPPEFRKKPILLVHGDKREAKAHLHAQAKPYENISLCQAKLDIAFGTHHTKMMLLLYEEGLRVVIHTSN
LIHADWHQKTQGIWLSPLYPRIADGTHKSGESPTHFKANLISYLTAYNAPSLKEWIDVIHKHDLSETNVYLIGSTPGRFQ
GSQKDNWGHFRLKKLLKDHASSMPNAESWPVVGQFSSVGSLGADESKWLCSEFKESMLTLGKESKTPGKSSVPLYLIYPS
VENVRTSLEGYPAGGSLPYSIQTAEKQNWLHSYFHKWSAETSGRSNAMPHIKTYMRPSPDFSKIAWFLVTSANLSKAAWG
ALEKNGTQLMIRSYELGVLFLPSALGLDSFKVKQKFFAGSQEPMATFPVPYDLPPELYGSKDRPWIWNIPYVKAPDTHGN
MWVPS
;
A,B
3 'polypeptide(L)' KLNYLDPR C
#
# COMPACT_ATOMS: atom_id res chain seq x y z
N ASN C 39 14.93 -15.91 -7.51
CA ASN C 39 14.84 -15.86 -6.02
C ASN C 39 14.13 -14.59 -5.54
N PRO C 40 12.86 -14.74 -5.13
CA PRO C 40 12.06 -13.58 -4.72
C PRO C 40 12.41 -13.13 -3.31
N PHE C 41 13.18 -13.94 -2.58
CA PHE C 41 13.42 -13.68 -1.16
C PHE C 41 14.63 -12.82 -0.88
N GLN C 42 15.73 -13.10 -1.56
CA GLN C 42 16.99 -12.41 -1.35
C GLN C 42 17.37 -12.42 0.14
N PHE C 43 17.10 -13.57 0.75
CA PHE C 43 17.48 -13.84 2.12
C PHE C 43 18.75 -14.69 2.09
N TYR C 44 19.77 -14.27 2.81
CA TYR C 44 21.06 -14.96 2.83
C TYR C 44 21.60 -15.10 4.23
N LEU C 45 22.51 -16.07 4.36
CA LEU C 45 23.32 -16.26 5.56
C LEU C 45 24.72 -15.76 5.29
N THR C 46 25.41 -15.28 6.31
CA THR C 46 26.86 -14.95 6.21
C THR C 46 27.73 -16.18 6.06
N ARG C 47 28.93 -16.00 5.50
CA ARG C 47 29.94 -17.05 5.41
C ARG C 47 30.35 -17.46 6.82
N VAL C 48 30.47 -18.75 7.02
CA VAL C 48 31.03 -19.28 8.25
C VAL C 48 32.40 -19.92 7.95
N SER C 49 33.45 -19.45 8.63
CA SER C 49 34.77 -20.06 8.51
C SER C 49 34.81 -21.39 9.25
N GLY C 50 35.30 -22.43 8.58
CA GLY C 50 35.50 -23.71 9.23
C GLY C 50 34.37 -24.70 9.00
N VAL C 51 33.48 -24.38 8.06
CA VAL C 51 32.58 -25.40 7.54
C VAL C 51 32.96 -25.69 6.10
N LYS C 52 32.48 -26.80 5.59
CA LYS C 52 32.72 -27.21 4.20
C LYS C 52 32.24 -26.15 3.19
N PRO C 53 32.96 -25.98 2.08
CA PRO C 53 32.60 -24.95 1.08
C PRO C 53 31.18 -25.03 0.53
N LYS C 54 30.63 -26.24 0.41
CA LYS C 54 29.24 -26.41 -0.01
C LYS C 54 28.23 -25.64 0.87
N TYR C 55 28.61 -25.41 2.13
CA TYR C 55 27.74 -24.72 3.08
C TYR C 55 27.88 -23.21 2.99
N ASN C 56 28.95 -22.76 2.33
CA ASN C 56 29.14 -21.34 2.08
C ASN C 56 28.78 -20.91 0.64
N SER C 57 28.24 -21.85 -0.15
CA SER C 57 28.03 -21.57 -1.57
C SER C 57 27.02 -20.43 -1.80
N GLY C 58 25.86 -20.50 -1.16
CA GLY C 58 24.90 -19.40 -1.18
C GLY C 58 25.04 -18.33 -0.07
N ALA C 59 26.20 -18.27 0.58
CA ALA C 59 26.39 -17.36 1.71
C ALA C 59 27.19 -16.15 1.28
N LEU C 60 27.03 -15.04 1.99
CA LEU C 60 27.73 -13.80 1.67
C LEU C 60 28.56 -13.27 2.83
N HIS C 61 29.77 -12.84 2.49
CA HIS C 61 30.60 -12.09 3.42
C HIS C 61 30.35 -10.61 3.15
N ILE C 62 30.65 -9.77 4.14
CA ILE C 62 30.57 -8.32 3.96
C ILE C 62 31.41 -7.85 2.75
N LYS C 63 32.61 -8.40 2.57
CA LYS C 63 33.37 -8.11 1.34
C LYS C 63 32.58 -8.35 0.06
N ASP C 64 31.79 -9.44 0.01
CA ASP C 64 30.91 -9.71 -1.14
C ASP C 64 29.83 -8.62 -1.33
N ILE C 65 29.22 -8.18 -0.23
CA ILE C 65 28.15 -7.19 -0.30
C ILE C 65 28.67 -5.85 -0.84
N LEU C 66 29.91 -5.52 -0.50
CA LEU C 66 30.48 -4.20 -0.80
C LEU C 66 31.26 -4.19 -2.11
N SER C 67 31.37 -5.37 -2.73
CA SER C 67 32.16 -5.57 -3.94
C SER C 67 31.68 -4.70 -5.12
N PRO C 68 32.59 -4.34 -6.02
CA PRO C 68 32.24 -3.55 -7.22
C PRO C 68 31.19 -4.25 -8.07
N LEU C 69 31.10 -5.58 -8.00
CA LEU C 69 30.07 -6.31 -8.74
C LEU C 69 28.64 -5.93 -8.30
N PHE C 70 28.50 -5.39 -7.07
CA PHE C 70 27.20 -4.97 -6.55
C PHE C 70 26.81 -3.55 -6.95
N GLY C 71 27.74 -2.83 -7.58
CA GLY C 71 27.53 -1.47 -8.01
C GLY C 71 28.74 -0.60 -7.72
N THR C 72 28.75 0.59 -8.33
CA THR C 72 29.87 1.52 -8.23
C THR C 72 29.63 2.52 -7.12
N LEU C 73 30.16 2.19 -5.94
CA LEU C 73 29.85 2.91 -4.73
C LEU C 73 30.24 4.37 -4.82
N VAL C 74 29.38 5.23 -4.28
CA VAL C 74 29.59 6.66 -4.23
C VAL C 74 29.56 7.11 -2.77
N SER C 75 28.62 6.57 -2.00
CA SER C 75 28.50 6.88 -0.58
C SER C 75 27.75 5.78 0.19
N SER C 76 27.98 5.68 1.49
CA SER C 76 27.29 4.66 2.25
C SER C 76 26.95 5.09 3.67
N ALA C 77 25.88 4.53 4.23
CA ALA C 77 25.58 4.73 5.64
C ALA C 77 25.57 3.38 6.29
N GLN C 78 26.14 3.27 7.48
CA GLN C 78 26.23 1.99 8.17
C GLN C 78 25.60 2.14 9.53
N PHE C 79 24.39 1.61 9.69
CA PHE C 79 23.69 1.63 10.98
C PHE C 79 24.10 0.37 11.75
N ASN C 80 24.51 0.56 12.99
CA ASN C 80 24.80 -0.58 13.82
C ASN C 80 24.83 -0.28 15.31
N TYR C 81 25.14 -1.32 16.07
CA TYR C 81 25.32 -1.21 17.49
C TYR C 81 26.79 -1.13 17.81
N CYS C 82 27.56 -2.17 17.50
CA CYS C 82 29.01 -2.18 17.69
C CYS C 82 29.81 -2.02 16.41
N PHE C 83 30.90 -1.25 16.49
CA PHE C 83 31.76 -1.01 15.34
C PHE C 83 33.23 -1.26 15.66
N ASP C 84 33.94 -1.77 14.67
CA ASP C 84 35.39 -1.77 14.67
C ASP C 84 35.78 -1.08 13.37
N VAL C 85 36.08 0.22 13.48
CA VAL C 85 36.21 1.05 12.30
C VAL C 85 37.33 0.54 11.39
N ASP C 86 38.47 0.13 11.98
CA ASP C 86 39.63 -0.33 11.20
C ASP C 86 39.25 -1.55 10.38
N TRP C 87 38.61 -2.52 11.02
CA TRP C 87 38.12 -3.73 10.35
C TRP C 87 37.10 -3.39 9.26
N LEU C 88 36.15 -2.52 9.62
CA LEU C 88 35.11 -2.08 8.70
C LEU C 88 35.66 -1.48 7.43
N VAL C 89 36.64 -0.58 7.56
CA VAL C 89 37.11 0.15 6.38
C VAL C 89 37.79 -0.81 5.38
N LYS C 90 38.36 -1.89 5.89
CA LYS C 90 39.07 -2.89 5.08
C LYS C 90 38.08 -3.84 4.38
N GLN C 91 36.83 -3.85 4.82
CA GLN C 91 35.85 -4.71 4.16
C GLN C 91 35.40 -4.08 2.86
N TYR C 92 35.54 -2.76 2.74
CA TYR C 92 35.29 -2.08 1.49
C TYR C 92 36.43 -2.43 0.56
N PRO C 93 36.16 -2.62 -0.74
CA PRO C 93 37.26 -2.78 -1.71
C PRO C 93 38.15 -1.51 -1.74
N PRO C 94 39.45 -1.69 -1.97
CA PRO C 94 40.42 -0.60 -2.12
C PRO C 94 39.93 0.61 -2.94
N GLU C 95 39.32 0.38 -4.10
CA GLU C 95 38.76 1.49 -4.89
C GLU C 95 37.69 2.29 -4.13
N PHE C 96 36.94 1.66 -3.23
CA PHE C 96 35.86 2.38 -2.52
C PHE C 96 36.20 2.90 -1.14
N ARG C 97 37.40 2.63 -0.64
CA ARG C 97 37.70 2.92 0.78
C ARG C 97 37.70 4.38 1.13
N LYS C 98 37.82 5.25 0.13
CA LYS C 98 37.93 6.67 0.41
C LYS C 98 36.60 7.41 0.19
N LYS C 99 35.61 6.67 -0.31
CA LYS C 99 34.27 7.22 -0.50
C LYS C 99 33.64 7.45 0.87
N PRO C 100 32.78 8.47 0.96
CA PRO C 100 32.19 8.86 2.24
C PRO C 100 31.41 7.75 2.92
N ILE C 101 31.58 7.63 4.23
CA ILE C 101 30.84 6.67 5.04
C ILE C 101 30.27 7.36 6.26
N LEU C 102 28.99 7.12 6.53
CA LEU C 102 28.37 7.57 7.76
C LEU C 102 28.13 6.39 8.74
N LEU C 103 28.55 6.58 10.00
CA LEU C 103 28.32 5.61 11.05
C LEU C 103 27.18 6.07 11.92
N VAL C 104 26.15 5.23 12.02
CA VAL C 104 24.98 5.57 12.82
C VAL C 104 24.95 4.64 14.00
N HIS C 105 25.21 5.21 15.17
CA HIS C 105 25.51 4.45 16.35
C HIS C 105 24.71 5.11 17.45
N GLY C 106 24.67 4.50 18.63
CA GLY C 106 23.98 5.07 19.77
C GLY C 106 24.88 5.32 20.97
N ASP C 107 26.19 5.28 20.74
CA ASP C 107 27.18 5.41 21.82
C ASP C 107 27.12 6.76 22.54
N LYS C 108 27.35 6.72 23.85
CA LYS C 108 27.35 7.92 24.67
C LYS C 108 28.66 8.12 25.44
N ARG C 109 28.86 9.35 25.92
CA ARG C 109 29.95 9.71 26.83
C ARG C 109 31.34 9.25 26.35
N GLU C 110 32.00 8.39 27.12
CA GLU C 110 33.36 7.93 26.82
C GLU C 110 33.43 6.94 25.64
N ALA C 111 32.43 6.08 25.57
CA ALA C 111 32.32 5.12 24.45
C ALA C 111 32.18 5.88 23.13
N LYS C 112 31.36 6.93 23.14
CA LYS C 112 31.28 7.91 22.03
C LYS C 112 32.67 8.49 21.68
N ALA C 113 33.39 8.98 22.70
CA ALA C 113 34.74 9.48 22.45
C ALA C 113 35.63 8.43 21.77
N HIS C 114 35.57 7.18 22.25
CA HIS C 114 36.43 6.12 21.69
C HIS C 114 36.12 5.82 20.24
N LEU C 115 34.84 5.77 19.91
CA LEU C 115 34.41 5.57 18.54
C LEU C 115 34.85 6.72 17.62
N HIS C 116 34.74 7.96 18.10
CA HIS C 116 35.19 9.15 17.37
C HIS C 116 36.70 9.04 17.15
N ALA C 117 37.42 8.71 18.22
CA ALA C 117 38.87 8.48 18.12
C ALA C 117 39.20 7.42 17.06
N GLN C 118 38.52 6.27 17.14
CA GLN C 118 38.68 5.19 16.16
C GLN C 118 38.51 5.67 14.72
N ALA C 119 37.52 6.54 14.50
CA ALA C 119 37.19 7.05 13.16
C ALA C 119 38.11 8.17 12.63
N LYS C 120 38.55 9.06 13.51
CA LYS C 120 39.46 10.18 13.22
C LYS C 120 40.50 10.01 12.08
N PRO C 121 41.27 8.92 12.04
CA PRO C 121 42.21 8.66 10.93
C PRO C 121 41.58 8.70 9.53
N TYR C 122 40.31 8.34 9.43
CA TYR C 122 39.68 8.14 8.14
C TYR C 122 38.87 9.38 7.80
N GLU C 123 39.49 10.28 7.04
CA GLU C 123 38.87 11.59 6.73
C GLU C 123 37.43 11.49 6.23
N ASN C 124 37.18 10.45 5.43
CA ASN C 124 35.90 10.21 4.77
C ASN C 124 34.75 9.73 5.64
N ILE C 125 35.01 9.47 6.93
CA ILE C 125 33.99 8.94 7.79
C ILE C 125 33.34 10.04 8.62
N SER C 126 32.02 10.12 8.60
CA SER C 126 31.28 10.92 9.56
C SER C 126 30.52 10.00 10.51
N LEU C 127 30.01 10.56 11.60
CA LEU C 127 29.24 9.83 12.59
C LEU C 127 27.95 10.56 12.92
N CYS C 128 26.92 9.79 13.25
CA CYS C 128 25.64 10.32 13.67
C CYS C 128 25.18 9.56 14.90
N GLN C 129 25.09 10.28 16.02
CA GLN C 129 24.64 9.67 17.25
C GLN C 129 23.14 9.71 17.33
N ALA C 130 22.53 8.52 17.39
CA ALA C 130 21.10 8.35 17.48
C ALA C 130 20.66 8.67 18.89
N LYS C 131 19.73 9.59 19.04
CA LYS C 131 19.30 9.97 20.40
C LYS C 131 18.70 8.75 21.09
N LEU C 132 19.18 8.49 22.30
CA LEU C 132 18.62 7.42 23.09
C LEU C 132 18.05 7.99 24.39
N ASP C 133 16.88 8.62 24.31
CA ASP C 133 16.32 9.31 25.48
C ASP C 133 15.79 8.39 26.58
N ILE C 134 15.34 7.20 26.21
CA ILE C 134 14.85 6.25 27.21
C ILE C 134 16.02 5.38 27.69
N ALA C 135 16.04 5.08 28.99
CA ALA C 135 17.14 4.34 29.60
C ALA C 135 17.06 2.87 29.24
N PHE C 136 18.24 2.22 29.20
CA PHE C 136 18.40 0.83 28.76
C PHE C 136 18.03 0.61 27.28
N GLY C 137 18.08 1.67 26.49
CA GLY C 137 17.88 1.57 25.06
C GLY C 137 19.21 1.48 24.34
N THR C 138 19.21 0.83 23.19
CA THR C 138 20.42 0.72 22.38
C THR C 138 20.04 1.06 20.96
N HIS C 139 21.01 1.51 20.17
CA HIS C 139 20.79 1.62 18.76
C HIS C 139 21.15 0.30 18.09
N HIS C 140 20.17 -0.59 17.97
CA HIS C 140 20.45 -2.00 17.67
C HIS C 140 20.29 -2.38 16.20
N THR C 141 19.62 -1.55 15.42
CA THR C 141 19.45 -1.74 14.01
C THR C 141 20.75 -2.03 13.20
N LYS C 142 20.71 -3.05 12.34
CA LYS C 142 21.81 -3.34 11.41
C LYS C 142 21.35 -3.12 9.97
N MET C 143 21.74 -1.97 9.40
CA MET C 143 21.38 -1.65 8.03
C MET C 143 22.51 -0.95 7.31
N MET C 144 22.65 -1.28 6.03
CA MET C 144 23.52 -0.53 5.12
C MET C 144 22.71 0.20 4.08
N LEU C 145 22.96 1.51 3.92
CA LEU C 145 22.49 2.22 2.73
C LEU C 145 23.63 2.43 1.74
N LEU C 146 23.47 1.93 0.52
CA LEU C 146 24.56 1.92 -0.46
C LEU C 146 24.16 2.70 -1.72
N LEU C 147 24.71 3.89 -1.88
CA LEU C 147 24.46 4.72 -3.04
C LEU C 147 25.55 4.46 -4.06
N TYR C 148 25.12 4.16 -5.28
CA TYR C 148 26.02 3.87 -6.38
C TYR C 148 25.72 4.76 -7.54
N GLU C 149 26.56 4.63 -8.55
CA GLU C 149 26.42 5.36 -9.80
C GLU C 149 25.17 4.87 -10.53
N GLU C 150 24.85 3.60 -10.33
CA GLU C 150 23.80 2.90 -11.06
C GLU C 150 22.45 2.94 -10.34
N GLY C 151 22.48 3.31 -9.05
CA GLY C 151 21.30 3.46 -8.22
C GLY C 151 21.60 3.27 -6.73
N LEU C 152 20.63 2.67 -6.02
CA LEU C 152 20.65 2.56 -4.57
C LEU C 152 20.38 1.12 -4.09
N ARG C 153 21.06 0.71 -3.03
CA ARG C 153 20.77 -0.61 -2.43
C ARG C 153 20.57 -0.46 -0.93
N VAL C 154 19.58 -1.19 -0.38
CA VAL C 154 19.31 -1.21 1.07
C VAL C 154 19.58 -2.62 1.56
N VAL C 155 20.36 -2.72 2.63
CA VAL C 155 20.70 -4.02 3.18
C VAL C 155 20.26 -4.04 4.64
N ILE C 156 19.48 -5.05 5.02
CA ILE C 156 19.07 -5.18 6.41
C ILE C 156 19.51 -6.54 6.90
N HIS C 157 20.19 -6.57 8.05
CA HIS C 157 20.89 -7.79 8.43
C HIS C 157 21.00 -7.85 9.97
N THR C 158 21.79 -8.78 10.48
CA THR C 158 21.82 -9.04 11.92
C THR C 158 23.21 -8.89 12.53
N SER C 159 24.21 -8.54 11.73
CA SER C 159 25.57 -8.58 12.23
C SER C 159 26.09 -7.23 12.69
N ASN C 160 26.70 -7.20 13.87
CA ASN C 160 27.56 -6.07 14.25
C ASN C 160 28.70 -5.92 13.22
N LEU C 161 29.26 -4.72 13.09
CA LEU C 161 30.37 -4.50 12.15
C LEU C 161 31.71 -4.72 12.86
N ILE C 162 31.99 -5.98 13.17
CA ILE C 162 33.18 -6.41 13.91
C ILE C 162 33.50 -7.78 13.34
N HIS C 163 34.79 -8.14 13.33
CA HIS C 163 35.24 -9.35 12.64
C HIS C 163 34.52 -10.60 13.16
N ALA C 164 34.37 -10.66 14.48
CA ALA C 164 33.76 -11.82 15.12
C ALA C 164 32.29 -12.12 14.68
N ASP C 165 31.54 -11.12 14.25
CA ASP C 165 30.15 -11.38 13.89
C ASP C 165 29.98 -12.00 12.52
N TRP C 166 31.06 -11.98 11.76
CA TRP C 166 31.02 -12.44 10.39
C TRP C 166 31.96 -13.62 10.21
N HIS C 167 32.48 -14.17 11.30
CA HIS C 167 33.44 -15.27 11.21
C HIS C 167 32.75 -16.64 11.35
N GLN C 168 32.24 -16.98 12.53
CA GLN C 168 31.70 -18.33 12.79
C GLN C 168 30.31 -18.32 13.45
N LYS C 169 29.52 -17.31 13.10
CA LYS C 169 28.15 -17.13 13.59
C LYS C 169 27.12 -17.40 12.52
N THR C 170 25.95 -17.88 12.92
CA THR C 170 24.83 -17.90 11.97
C THR C 170 24.23 -16.52 12.02
N GLN C 171 24.34 -15.80 10.90
CA GLN C 171 23.71 -14.50 10.73
C GLN C 171 22.85 -14.43 9.49
N GLY C 172 21.87 -13.51 9.50
CA GLY C 172 20.98 -13.27 8.34
C GLY C 172 21.12 -11.93 7.65
N ILE C 173 20.78 -11.90 6.37
CA ILE C 173 20.92 -10.73 5.49
C ILE C 173 19.74 -10.68 4.52
N TRP C 174 19.12 -9.51 4.37
CA TRP C 174 18.21 -9.29 3.26
C TRP C 174 18.82 -8.26 2.33
N LEU C 175 18.87 -8.55 1.03
CA LEU C 175 19.38 -7.61 0.03
C LEU C 175 18.23 -7.07 -0.79
N SER C 176 18.07 -5.75 -0.79
CA SER C 176 17.12 -5.13 -1.69
C SER C 176 17.59 -5.34 -3.14
N PRO C 177 16.69 -5.18 -4.12
CA PRO C 177 17.15 -5.07 -5.51
C PRO C 177 17.95 -3.77 -5.71
N LEU C 178 18.63 -3.64 -6.85
CA LEU C 178 19.21 -2.37 -7.26
C LEU C 178 18.06 -1.43 -7.67
N TYR C 179 17.87 -0.38 -6.89
CA TYR C 179 16.80 0.57 -7.12
C TYR C 179 17.32 1.64 -8.09
N PRO C 180 16.66 1.81 -9.24
CA PRO C 180 17.07 2.87 -10.18
C PRO C 180 16.74 4.26 -9.64
N ARG C 181 17.49 5.26 -10.09
CA ARG C 181 17.14 6.66 -9.84
C ARG C 181 15.90 7.00 -10.68
N ILE C 182 15.02 7.82 -10.14
CA ILE C 182 13.82 8.21 -10.90
C ILE C 182 14.15 9.25 -11.99
N ALA C 183 13.76 8.94 -13.22
CA ALA C 183 14.00 9.79 -14.40
C ALA C 183 13.71 11.25 -14.09
N ASP C 184 14.77 12.06 -14.11
CA ASP C 184 14.72 13.52 -13.84
C ASP C 184 13.53 14.26 -14.50
N GLY C 185 12.95 13.64 -15.53
CA GLY C 185 11.80 14.24 -16.20
C GLY C 185 10.45 13.61 -15.92
N THR C 186 10.26 12.98 -14.76
CA THR C 186 9.01 12.27 -14.55
C THR C 186 8.45 12.33 -13.13
N HIS C 187 7.13 12.10 -13.04
CA HIS C 187 6.42 12.21 -11.77
C HIS C 187 5.93 10.85 -11.32
N LYS C 188 6.67 10.27 -10.39
CA LYS C 188 6.29 8.99 -9.81
C LYS C 188 6.77 8.87 -8.38
N SER C 189 6.05 8.04 -7.62
CA SER C 189 6.26 7.89 -6.20
C SER C 189 7.50 7.04 -5.92
N GLY C 190 7.69 6.02 -6.77
CA GLY C 190 8.73 5.02 -6.59
C GLY C 190 8.39 4.10 -5.44
N GLU C 191 7.09 4.03 -5.11
CA GLU C 191 6.60 3.29 -3.96
C GLU C 191 6.24 1.83 -4.29
N SER C 192 6.39 0.92 -3.33
CA SER C 192 5.99 -0.48 -3.57
C SER C 192 4.62 -0.74 -2.97
N PRO C 193 3.98 -1.83 -3.38
CA PRO C 193 2.73 -2.28 -2.74
C PRO C 193 2.88 -2.52 -1.24
N THR C 194 4.10 -2.70 -0.76
CA THR C 194 4.32 -2.90 0.67
C THR C 194 4.58 -1.61 1.43
N HIS C 195 4.68 -0.50 0.70
CA HIS C 195 4.93 0.83 1.27
C HIS C 195 6.32 1.00 1.89
N PHE C 196 7.24 0.14 1.44
CA PHE C 196 8.60 0.14 1.94
C PHE C 196 9.26 1.51 1.91
N LYS C 197 9.24 2.17 0.76
CA LYS C 197 9.90 3.48 0.62
C LYS C 197 9.41 4.49 1.67
N ALA C 198 8.08 4.72 1.75
CA ALA C 198 7.53 5.54 2.83
C ALA C 198 7.80 5.04 4.24
N ASN C 199 7.84 3.73 4.46
CA ASN C 199 8.14 3.20 5.80
C ASN C 199 9.60 3.43 6.23
N LEU C 200 10.51 3.23 5.32
CA LEU C 200 11.94 3.48 5.55
C LEU C 200 12.19 4.96 5.83
N ILE C 201 11.59 5.83 5.03
CA ILE C 201 11.65 7.27 5.28
C ILE C 201 11.08 7.69 6.64
N SER C 202 9.96 7.07 7.08
CA SER C 202 9.45 7.37 8.42
C SER C 202 10.47 6.86 9.42
N TYR C 203 11.00 5.65 9.22
CA TYR C 203 11.95 5.09 10.17
C TYR C 203 13.12 6.08 10.34
N LEU C 204 13.68 6.53 9.22
CA LEU C 204 14.78 7.46 9.26
C LEU C 204 14.40 8.81 9.87
N THR C 205 13.14 9.22 9.67
CA THR C 205 12.65 10.51 10.14
C THR C 205 12.56 10.61 11.67
N ALA C 206 12.28 9.49 12.33
CA ALA C 206 12.13 9.44 13.78
C ALA C 206 13.42 9.76 14.54
N TYR C 207 14.56 9.63 13.84
CA TYR C 207 15.87 9.86 14.44
C TYR C 207 16.08 11.34 14.66
N ASN C 208 15.39 12.13 13.84
CA ASN C 208 15.55 13.57 13.82
C ASN C 208 16.95 14.11 13.62
N ALA C 209 17.70 13.49 12.71
CA ALA C 209 19.14 13.71 12.57
C ALA C 209 19.52 14.33 11.24
N PRO C 210 20.31 15.41 11.30
CA PRO C 210 20.73 16.15 10.09
C PRO C 210 21.29 15.29 8.99
N SER C 211 22.24 14.40 9.31
CA SER C 211 22.92 13.62 8.28
C SER C 211 22.03 12.57 7.62
N LEU C 212 20.95 12.19 8.32
CA LEU C 212 20.00 11.20 7.78
C LEU C 212 19.04 11.84 6.79
N LYS C 213 18.76 13.14 6.99
CA LYS C 213 17.91 13.90 6.09
C LYS C 213 18.44 13.79 4.67
N GLU C 214 19.76 13.84 4.53
CA GLU C 214 20.41 13.67 3.23
C GLU C 214 20.11 12.29 2.64
N TRP C 215 20.12 11.27 3.49
CA TRP C 215 19.79 9.91 3.06
C TRP C 215 18.30 9.77 2.74
N ILE C 216 17.45 10.51 3.45
CA ILE C 216 16.02 10.51 3.20
C ILE C 216 15.77 11.10 1.81
N ASP C 217 16.54 12.13 1.46
CA ASP C 217 16.41 12.77 0.15
C ASP C 217 16.96 11.90 -0.98
N VAL C 218 18.01 11.12 -0.71
CA VAL C 218 18.50 10.16 -1.71
C VAL C 218 17.39 9.12 -1.97
N ILE C 219 16.73 8.68 -0.91
CA ILE C 219 15.72 7.63 -1.05
C ILE C 219 14.53 8.18 -1.87
N HIS C 220 14.19 9.46 -1.65
CA HIS C 220 13.11 10.13 -2.36
C HIS C 220 13.34 10.07 -3.87
N LYS C 221 14.60 10.20 -4.27
CA LYS C 221 14.98 10.26 -5.69
C LYS C 221 14.93 8.89 -6.38
N HIS C 222 14.84 7.82 -5.61
CA HIS C 222 14.92 6.49 -6.18
C HIS C 222 13.58 5.74 -6.24
N ASP C 223 13.52 4.83 -7.22
CA ASP C 223 12.36 3.95 -7.45
C ASP C 223 12.48 2.63 -6.68
N LEU C 224 11.74 2.50 -5.58
CA LEU C 224 11.82 1.32 -4.74
C LEU C 224 10.61 0.41 -4.92
N SER C 225 9.86 0.60 -6.00
CA SER C 225 8.60 -0.11 -6.25
C SER C 225 8.68 -1.63 -6.41
N GLU C 226 9.86 -2.18 -6.72
CA GLU C 226 9.97 -3.63 -6.89
C GLU C 226 10.12 -4.35 -5.54
N THR C 227 10.26 -3.61 -4.44
CA THR C 227 10.39 -4.18 -3.10
C THR C 227 9.18 -5.01 -2.70
N ASN C 228 9.41 -6.24 -2.26
CA ASN C 228 8.34 -7.16 -1.91
C ASN C 228 8.31 -7.57 -0.43
N VAL C 229 9.03 -6.86 0.42
CA VAL C 229 9.02 -7.17 1.84
C VAL C 229 8.42 -6.00 2.58
N TYR C 230 7.94 -6.24 3.80
CA TYR C 230 7.44 -5.18 4.65
C TYR C 230 8.48 -4.81 5.72
N LEU C 231 8.66 -3.51 5.92
CA LEU C 231 9.61 -3.02 6.93
C LEU C 231 8.94 -3.00 8.31
N ILE C 232 9.61 -3.61 9.29
CA ILE C 232 9.18 -3.56 10.70
C ILE C 232 10.27 -2.94 11.54
N GLY C 233 10.00 -1.73 12.01
CA GLY C 233 10.95 -0.96 12.77
C GLY C 233 10.57 -0.79 14.22
N SER C 234 11.59 -0.56 15.02
CA SER C 234 11.39 -0.14 16.38
C SER C 234 12.07 1.19 16.54
N THR C 235 11.54 2.04 17.41
CA THR C 235 12.11 3.37 17.59
C THR C 235 11.76 3.82 18.99
N PRO C 236 12.66 4.51 19.69
CA PRO C 236 12.44 4.75 21.12
C PRO C 236 11.30 5.74 21.31
N GLY C 237 10.41 5.45 22.24
CA GLY C 237 9.36 6.39 22.57
C GLY C 237 8.20 5.77 23.31
N ARG C 238 7.20 6.61 23.56
CA ARG C 238 5.94 6.19 24.15
C ARG C 238 4.85 6.59 23.17
N PHE C 239 4.12 5.60 22.67
CA PHE C 239 3.28 5.79 21.50
C PHE C 239 1.80 5.60 21.81
N GLN C 240 0.96 6.50 21.29
CA GLN C 240 -0.47 6.53 21.61
C GLN C 240 -1.32 6.72 20.37
N GLY C 241 -2.63 6.47 20.51
CA GLY C 241 -3.57 6.69 19.43
C GLY C 241 -3.33 5.71 18.30
N SER C 242 -3.31 6.23 17.06
CA SER C 242 -2.98 5.41 15.89
C SER C 242 -1.48 5.07 15.84
N GLN C 243 -0.69 5.80 16.61
CA GLN C 243 0.76 5.69 16.59
C GLN C 243 1.30 4.41 17.22
N LYS C 244 0.50 3.78 18.08
CA LYS C 244 0.75 2.43 18.59
C LYS C 244 1.12 1.42 17.48
N ASP C 245 0.45 1.53 16.32
CA ASP C 245 0.62 0.62 15.18
C ASP C 245 1.90 0.84 14.38
N ASN C 246 2.65 1.89 14.70
CA ASN C 246 3.78 2.32 13.86
C ASN C 246 5.05 1.50 14.05
N TRP C 247 5.23 0.97 15.27
CA TRP C 247 6.49 0.40 15.73
C TRP C 247 6.31 -0.86 16.59
N GLY C 248 7.35 -1.68 16.61
CA GLY C 248 7.42 -2.80 17.51
C GLY C 248 6.48 -3.91 17.14
N HIS C 249 5.97 -4.63 18.14
CA HIS C 249 5.16 -5.80 17.85
C HIS C 249 3.77 -5.41 17.37
N PHE C 250 3.34 -4.21 17.70
CA PHE C 250 2.06 -3.72 17.22
C PHE C 250 2.10 -3.48 15.72
N ARG C 251 3.21 -2.93 15.22
CA ARG C 251 3.43 -2.83 13.79
C ARG C 251 3.23 -4.20 13.16
N LEU C 252 3.83 -5.22 13.77
CA LEU C 252 3.69 -6.57 13.27
C LEU C 252 2.22 -7.05 13.30
N LYS C 253 1.57 -6.84 14.45
CA LYS C 253 0.16 -7.16 14.66
C LYS C 253 -0.67 -6.58 13.52
N LYS C 254 -0.50 -5.29 13.29
CA LYS C 254 -1.15 -4.57 12.20
C LYS C 254 -0.90 -5.17 10.80
N LEU C 255 0.36 -5.45 10.47
CA LEU C 255 0.66 -5.97 9.12
C LEU C 255 0.02 -7.34 8.94
N LEU C 256 0.04 -8.15 9.99
CA LEU C 256 -0.58 -9.47 9.97
C LEU C 256 -2.12 -9.43 9.93
N LYS C 257 -2.71 -8.40 10.49
CA LYS C 257 -4.17 -8.20 10.45
C LYS C 257 -4.61 -7.86 9.02
N ASP C 258 -3.87 -6.98 8.38
CA ASP C 258 -4.27 -6.43 7.09
C ASP C 258 -3.81 -7.24 5.89
N HIS C 259 -2.74 -8.03 6.04
CA HIS C 259 -2.14 -8.71 4.88
C HIS C 259 -1.93 -10.20 5.00
N ALA C 260 -2.42 -10.79 6.08
CA ALA C 260 -2.47 -12.23 6.16
C ALA C 260 -3.96 -12.63 6.24
N SER C 261 -4.25 -13.93 6.19
CA SER C 261 -5.61 -14.43 6.45
C SER C 261 -5.59 -15.62 7.39
N SER C 262 -6.74 -15.89 8.02
CA SER C 262 -6.85 -16.99 8.98
C SER C 262 -7.10 -18.32 8.27
N MET C 263 -6.90 -19.45 8.98
CA MET C 263 -7.12 -20.78 8.40
C MET C 263 -7.53 -21.85 9.44
N SER C 268 -3.86 -23.47 16.11
CA SER C 268 -3.02 -24.66 16.04
C SER C 268 -1.74 -24.53 15.16
N TRP C 269 -1.59 -23.39 14.49
CA TRP C 269 -0.31 -23.08 13.83
C TRP C 269 0.65 -22.48 14.87
N PRO C 270 1.78 -23.12 15.10
CA PRO C 270 2.73 -22.62 16.11
C PRO C 270 3.36 -21.27 15.72
N VAL C 271 3.88 -20.58 16.71
CA VAL C 271 4.67 -19.39 16.54
C VAL C 271 6.08 -19.83 16.92
N VAL C 272 7.05 -19.53 16.07
CA VAL C 272 8.45 -19.78 16.40
C VAL C 272 9.18 -18.43 16.53
N GLY C 273 9.95 -18.28 17.60
CA GLY C 273 10.78 -17.10 17.82
C GLY C 273 12.18 -17.54 18.19
N GLN C 274 13.19 -16.91 17.55
CA GLN C 274 14.58 -17.33 17.62
C GLN C 274 15.48 -16.07 17.72
N PHE C 275 16.39 -16.03 18.69
CA PHE C 275 17.07 -14.78 19.12
C PHE C 275 18.33 -15.11 19.91
N SER C 276 19.07 -14.06 20.30
CA SER C 276 20.36 -14.26 20.96
C SER C 276 20.51 -13.44 22.23
N SER C 277 19.52 -12.63 22.52
CA SER C 277 19.52 -11.95 23.80
C SER C 277 18.11 -11.95 24.38
N VAL C 278 18.03 -11.93 25.71
CA VAL C 278 16.79 -12.19 26.42
C VAL C 278 16.55 -11.12 27.46
N GLY C 279 15.53 -10.29 27.23
CA GLY C 279 15.17 -9.24 28.17
C GLY C 279 14.55 -9.81 29.44
N SER C 280 14.30 -8.94 30.42
CA SER C 280 13.56 -9.36 31.63
C SER C 280 12.08 -9.37 31.27
N LEU C 281 11.47 -10.54 31.24
CA LEU C 281 10.12 -10.66 30.67
C LEU C 281 8.96 -10.56 31.68
N GLY C 282 9.29 -10.62 32.96
CA GLY C 282 8.30 -10.60 34.03
C GLY C 282 8.24 -11.90 34.82
N ALA C 283 7.57 -11.84 35.97
CA ALA C 283 7.49 -12.95 36.94
C ALA C 283 6.76 -14.21 36.42
N ASP C 284 5.92 -14.05 35.40
CA ASP C 284 5.31 -15.18 34.69
C ASP C 284 4.95 -14.81 33.23
N GLU C 285 4.53 -15.80 32.45
CA GLU C 285 4.21 -15.59 31.03
C GLU C 285 3.10 -14.59 30.70
N SER C 286 2.29 -14.25 31.70
CA SER C 286 1.13 -13.42 31.46
C SER C 286 1.43 -11.94 31.58
N LYS C 287 2.60 -11.62 32.11
CA LYS C 287 3.02 -10.22 32.23
C LYS C 287 3.23 -9.56 30.87
N TRP C 288 3.67 -10.35 29.88
CA TRP C 288 4.10 -9.83 28.57
C TRP C 288 4.19 -10.88 27.47
N LEU C 289 4.90 -11.99 27.74
CA LEU C 289 5.18 -12.99 26.72
C LEU C 289 3.95 -13.54 25.99
N CYS C 290 3.01 -14.13 26.75
CA CYS C 290 1.81 -14.70 26.16
C CYS C 290 0.69 -13.69 26.06
N SER C 291 0.75 -12.62 26.83
CA SER C 291 -0.29 -11.60 26.75
C SER C 291 -0.07 -10.77 25.48
N GLU C 292 0.63 -9.65 25.56
CA GLU C 292 0.74 -8.80 24.39
C GLU C 292 1.66 -9.32 23.26
N PHE C 293 2.76 -9.98 23.62
CA PHE C 293 3.74 -10.39 22.59
C PHE C 293 3.26 -11.53 21.71
N LYS C 294 2.83 -12.64 22.32
CA LYS C 294 2.27 -13.75 21.55
C LYS C 294 0.97 -13.38 20.85
N GLU C 295 0.14 -12.51 21.47
CA GLU C 295 -1.08 -12.01 20.86
C GLU C 295 -0.77 -11.38 19.51
N SER C 296 0.20 -10.46 19.48
CA SER C 296 0.66 -9.87 18.22
C SER C 296 1.09 -10.94 17.22
N MET C 297 1.93 -11.87 17.67
CA MET C 297 2.51 -12.90 16.78
C MET C 297 1.52 -13.90 16.19
N LEU C 298 0.38 -14.09 16.87
CA LEU C 298 -0.62 -15.07 16.41
C LEU C 298 -1.72 -14.46 15.53
N THR C 299 -1.68 -13.14 15.35
CA THR C 299 -2.64 -12.46 14.50
C THR C 299 -2.49 -12.91 13.04
N LEU C 300 -3.65 -13.17 12.42
CA LEU C 300 -3.79 -13.41 10.98
C LEU C 300 -5.19 -12.92 10.54
N GLY C 301 -5.25 -12.06 9.52
CA GLY C 301 -6.52 -11.62 8.97
C GLY C 301 -7.40 -10.75 9.85
N VAL C 312 -2.23 -22.21 21.36
CA VAL C 312 -1.24 -21.98 20.29
C VAL C 312 0.16 -22.21 20.86
N PRO C 313 0.88 -23.19 20.33
CA PRO C 313 2.22 -23.53 20.82
C PRO C 313 3.24 -22.45 20.45
N LEU C 314 4.01 -22.01 21.44
CA LEU C 314 5.10 -21.08 21.25
C LEU C 314 6.44 -21.82 21.40
N TYR C 315 7.26 -21.77 20.34
CA TYR C 315 8.60 -22.35 20.35
C TYR C 315 9.63 -21.23 20.39
N LEU C 316 10.51 -21.27 21.39
CA LEU C 316 11.61 -20.30 21.48
C LEU C 316 12.95 -21.00 21.36
N ILE C 317 13.77 -20.52 20.42
CA ILE C 317 15.05 -21.14 20.16
C ILE C 317 16.16 -20.27 20.68
N TYR C 318 16.93 -20.81 21.61
CA TYR C 318 17.98 -20.08 22.28
C TYR C 318 19.03 -21.10 22.68
N PRO C 319 20.32 -20.86 22.37
CA PRO C 319 21.35 -21.87 22.60
C PRO C 319 21.51 -22.27 24.08
N SER C 320 21.72 -23.58 24.26
CA SER C 320 22.02 -24.14 25.54
C SER C 320 23.52 -24.03 25.81
N VAL C 321 23.92 -24.16 27.06
CA VAL C 321 25.33 -24.31 27.40
C VAL C 321 26.03 -25.29 26.46
N GLU C 322 25.46 -26.48 26.32
CA GLU C 322 25.96 -27.54 25.46
C GLU C 322 26.12 -27.12 23.97
N ASN C 323 25.09 -26.49 23.40
CA ASN C 323 25.24 -25.86 22.07
C ASN C 323 26.49 -24.96 21.97
N VAL C 324 26.67 -24.11 22.96
CA VAL C 324 27.77 -23.11 22.97
C VAL C 324 29.13 -23.77 23.21
N ARG C 325 29.15 -24.72 24.14
CA ARG C 325 30.38 -25.42 24.49
C ARG C 325 31.03 -26.14 23.30
N THR C 326 30.21 -26.76 22.45
CA THR C 326 30.73 -27.60 21.36
C THR C 326 30.63 -26.91 20.02
N SER C 327 30.43 -25.59 20.07
CA SER C 327 30.34 -24.78 18.87
C SER C 327 31.73 -24.59 18.25
N LEU C 328 31.78 -23.95 17.09
CA LEU C 328 33.05 -23.65 16.45
C LEU C 328 33.90 -22.65 17.24
N GLU C 329 33.24 -21.74 17.95
CA GLU C 329 33.97 -20.80 18.79
C GLU C 329 34.24 -21.33 20.22
N GLY C 330 33.41 -22.28 20.65
CA GLY C 330 33.39 -22.70 22.04
C GLY C 330 32.74 -21.64 22.90
N TYR C 331 33.13 -21.59 24.17
CA TYR C 331 32.52 -20.68 25.16
C TYR C 331 32.50 -19.18 24.79
N PRO C 332 33.54 -18.66 24.11
CA PRO C 332 33.53 -17.28 23.62
C PRO C 332 32.41 -16.95 22.61
N ALA C 333 31.71 -17.95 22.08
CA ALA C 333 30.42 -17.68 21.41
C ALA C 333 29.44 -16.99 22.37
N GLY C 334 29.56 -17.30 23.67
CA GLY C 334 28.67 -16.71 24.67
C GLY C 334 28.92 -15.24 24.95
N GLY C 335 30.06 -14.69 24.52
CA GLY C 335 30.22 -13.26 24.60
C GLY C 335 29.23 -12.53 23.69
N SER C 336 28.57 -13.26 22.80
CA SER C 336 27.56 -12.66 21.90
C SER C 336 26.14 -13.09 22.26
N LEU C 337 25.99 -13.75 23.41
CA LEU C 337 24.72 -14.25 23.90
C LEU C 337 24.50 -13.79 25.37
N PRO C 338 24.14 -12.52 25.54
CA PRO C 338 24.20 -11.87 26.85
C PRO C 338 22.94 -12.08 27.67
N TYR C 339 22.74 -13.29 28.15
CA TYR C 339 21.67 -13.58 29.08
C TYR C 339 22.35 -13.68 30.45
N SER C 340 22.00 -12.75 31.34
CA SER C 340 22.69 -12.65 32.61
C SER C 340 21.99 -13.50 33.66
N ILE C 341 22.72 -13.97 34.67
CA ILE C 341 22.11 -14.79 35.74
C ILE C 341 21.04 -13.99 36.51
N GLN C 342 21.28 -12.68 36.67
CA GLN C 342 20.36 -11.77 37.37
C GLN C 342 18.96 -11.79 36.77
N THR C 343 18.91 -11.77 35.44
CA THR C 343 17.65 -11.73 34.71
C THR C 343 17.08 -13.13 34.64
N ALA C 344 17.93 -14.11 34.33
CA ALA C 344 17.48 -15.50 34.23
C ALA C 344 16.81 -16.00 35.53
N GLU C 345 17.41 -15.72 36.68
CA GLU C 345 16.89 -16.23 37.96
C GLU C 345 15.50 -15.65 38.31
N LYS C 346 15.18 -14.49 37.75
CA LYS C 346 13.88 -13.83 37.92
C LYS C 346 12.75 -14.50 37.13
N GLN C 347 13.10 -15.31 36.12
CA GLN C 347 12.11 -15.77 35.13
C GLN C 347 12.29 -17.23 34.72
N ASN C 348 12.53 -18.11 35.69
CA ASN C 348 12.75 -19.52 35.39
C ASN C 348 11.66 -20.20 34.60
N TRP C 349 10.43 -19.69 34.71
CA TRP C 349 9.31 -20.22 33.92
C TRP C 349 9.61 -20.22 32.42
N LEU C 350 10.31 -19.19 31.93
CA LEU C 350 10.58 -19.00 30.50
C LEU C 350 11.30 -20.18 29.88
N HIS C 351 12.26 -20.71 30.61
CA HIS C 351 13.17 -21.74 30.10
C HIS C 351 12.50 -23.03 29.66
N SER C 352 11.28 -23.28 30.11
CA SER C 352 10.59 -24.46 29.58
C SER C 352 10.01 -24.21 28.17
N TYR C 353 10.02 -22.96 27.70
CA TYR C 353 9.76 -22.71 26.28
C TYR C 353 11.00 -22.86 25.38
N PHE C 354 12.13 -23.26 25.95
CA PHE C 354 13.39 -23.12 25.25
C PHE C 354 13.75 -24.36 24.46
N HIS C 355 14.22 -24.12 23.25
CA HIS C 355 14.57 -25.18 22.34
C HIS C 355 15.99 -24.95 21.84
N LYS C 356 16.68 -26.04 21.55
CA LYS C 356 18.06 -26.02 21.16
C LYS C 356 18.22 -25.42 19.79
N TRP C 357 19.43 -24.91 19.57
CA TRP C 357 19.88 -24.52 18.27
C TRP C 357 20.33 -25.76 17.51
N SER C 358 19.59 -26.06 16.46
CA SER C 358 19.95 -27.06 15.51
C SER C 358 19.81 -26.50 14.09
N ALA C 359 20.84 -26.70 13.29
CA ALA C 359 20.81 -26.22 11.91
C ALA C 359 21.60 -27.10 10.93
N GLU C 360 21.31 -28.41 10.94
CA GLU C 360 21.85 -29.36 9.94
C GLU C 360 21.42 -28.95 8.55
N THR C 361 20.18 -28.53 8.39
CA THR C 361 19.75 -28.03 7.08
C THR C 361 20.78 -27.07 6.44
N SER C 362 21.39 -26.18 7.22
CA SER C 362 22.34 -25.19 6.66
C SER C 362 23.77 -25.42 7.11
N GLY C 363 24.00 -26.56 7.78
CA GLY C 363 25.34 -26.98 8.19
C GLY C 363 25.96 -26.06 9.23
N ARG C 364 25.12 -25.55 10.12
CA ARG C 364 25.49 -24.46 10.99
C ARG C 364 25.09 -24.71 12.46
N SER C 365 24.88 -25.99 12.82
CA SER C 365 24.57 -26.39 14.20
C SER C 365 25.65 -25.94 15.13
N ASN C 366 26.87 -25.79 14.62
CA ASN C 366 28.01 -25.38 15.44
C ASN C 366 28.39 -23.90 15.25
N ALA C 367 27.65 -23.22 14.38
CA ALA C 367 27.78 -21.74 14.24
C ALA C 367 26.69 -21.07 15.05
N MET C 368 27.05 -20.60 16.24
CA MET C 368 26.06 -19.99 17.12
C MET C 368 25.25 -18.84 16.46
N PRO C 369 23.95 -18.85 16.72
CA PRO C 369 23.05 -17.83 16.16
C PRO C 369 23.27 -16.42 16.71
N HIS C 370 23.50 -15.44 15.83
CA HIS C 370 23.30 -14.04 16.15
C HIS C 370 22.17 -13.47 15.26
N ILE C 371 21.58 -14.34 14.44
CA ILE C 371 20.39 -14.01 13.67
C ILE C 371 19.19 -14.02 14.65
N LYS C 372 18.13 -13.31 14.27
CA LYS C 372 16.88 -13.24 15.03
C LYS C 372 15.81 -13.40 13.96
N THR C 373 14.92 -14.37 14.17
CA THR C 373 13.88 -14.69 13.21
C THR C 373 12.59 -15.06 13.97
N TYR C 374 11.44 -14.77 13.38
CA TYR C 374 10.15 -15.08 13.99
C TYR C 374 9.32 -15.57 12.83
N MET C 375 8.48 -16.58 13.06
CA MET C 375 7.70 -17.16 11.96
C MET C 375 6.52 -17.99 12.49
N ARG C 376 5.64 -18.38 11.57
CA ARG C 376 4.40 -19.07 11.85
C ARG C 376 4.27 -20.29 10.97
N PRO C 377 4.84 -21.42 11.38
CA PRO C 377 4.74 -22.66 10.59
C PRO C 377 3.37 -23.30 10.71
N SER C 378 3.01 -24.12 9.73
CA SER C 378 1.85 -25.01 9.84
C SER C 378 2.12 -26.07 10.91
N PRO C 379 1.11 -26.88 11.27
CA PRO C 379 1.29 -27.90 12.33
C PRO C 379 2.39 -28.95 12.06
N ASP C 380 2.66 -29.25 10.80
CA ASP C 380 3.72 -30.21 10.49
C ASP C 380 5.03 -29.54 10.04
N PHE C 381 5.11 -28.21 10.14
CA PHE C 381 6.27 -27.39 9.78
C PHE C 381 6.70 -27.44 8.30
N SER C 382 5.83 -27.98 7.44
CA SER C 382 6.08 -28.07 6.01
C SER C 382 5.83 -26.73 5.34
N LYS C 383 5.05 -25.88 5.97
CA LYS C 383 4.86 -24.55 5.41
C LYS C 383 4.81 -23.47 6.47
N ILE C 384 4.81 -22.21 6.03
CA ILE C 384 4.73 -21.04 6.93
C ILE C 384 3.80 -19.94 6.36
N ALA C 385 3.10 -19.25 7.27
CA ALA C 385 2.23 -18.14 6.89
C ALA C 385 3.04 -16.87 6.71
N TRP C 386 4.20 -16.79 7.36
CA TRP C 386 5.10 -15.63 7.23
C TRP C 386 6.47 -15.86 7.85
N PHE C 387 7.41 -14.96 7.55
CA PHE C 387 8.78 -15.04 8.06
C PHE C 387 9.31 -13.62 8.25
N LEU C 388 10.07 -13.46 9.31
CA LEU C 388 10.60 -12.20 9.71
C LEU C 388 12.06 -12.40 10.10
N VAL C 389 12.96 -11.65 9.49
CA VAL C 389 14.32 -11.59 9.95
C VAL C 389 14.49 -10.14 10.42
N THR C 390 15.16 -9.95 11.54
CA THR C 390 15.21 -8.65 12.17
C THR C 390 16.39 -8.60 13.15
N SER C 391 16.73 -7.40 13.60
CA SER C 391 17.68 -7.22 14.69
C SER C 391 17.07 -7.42 16.10
N ALA C 392 15.73 -7.45 16.19
CA ALA C 392 15.05 -7.49 17.50
C ALA C 392 15.15 -8.81 18.24
N ASN C 393 15.82 -8.79 19.39
CA ASN C 393 15.94 -9.93 20.28
C ASN C 393 14.64 -10.13 21.10
N LEU C 394 14.62 -11.09 22.01
CA LEU C 394 13.42 -11.30 22.81
C LEU C 394 13.46 -10.40 24.04
N SER C 395 13.08 -9.14 23.83
CA SER C 395 13.03 -8.16 24.91
C SER C 395 11.91 -7.13 24.71
N LYS C 396 11.45 -6.56 25.83
CA LYS C 396 10.47 -5.48 25.80
C LYS C 396 11.12 -4.24 25.23
N ALA C 397 12.38 -4.05 25.62
CA ALA C 397 13.23 -2.97 25.11
C ALA C 397 13.12 -2.84 23.59
N ALA C 398 13.18 -3.99 22.92
CA ALA C 398 13.20 -4.10 21.48
C ALA C 398 11.81 -4.10 20.82
N TRP C 399 10.89 -4.82 21.46
CA TRP C 399 9.56 -5.05 20.90
C TRP C 399 8.46 -4.12 21.41
N GLY C 400 8.67 -3.53 22.59
CA GLY C 400 7.68 -2.61 23.15
C GLY C 400 6.83 -3.26 24.22
N ALA C 401 6.44 -2.47 25.21
CA ALA C 401 5.55 -2.94 26.28
C ALA C 401 4.46 -1.94 26.60
N LEU C 402 3.28 -2.44 26.93
CA LEU C 402 2.12 -1.59 27.16
C LEU C 402 2.16 -0.85 28.51
N GLU C 403 2.00 0.46 28.46
CA GLU C 403 2.01 1.34 29.64
C GLU C 403 0.68 2.12 29.80
N LYS C 404 0.52 2.82 30.95
CA LYS C 404 -0.74 3.45 31.37
C LYS C 404 -1.91 2.54 30.93
N ASN C 405 -1.90 1.34 31.50
CA ASN C 405 -2.21 0.11 30.74
C ASN C 405 -3.25 0.16 29.61
N GLY C 406 -2.77 -0.22 28.43
CA GLY C 406 -3.57 -0.22 27.24
C GLY C 406 -3.24 0.94 26.33
N THR C 407 -3.05 2.13 26.89
CA THR C 407 -3.01 3.35 26.07
C THR C 407 -1.65 3.66 25.41
N GLN C 408 -0.58 3.11 25.97
CA GLN C 408 0.77 3.52 25.57
C GLN C 408 1.67 2.33 25.28
N LEU C 409 2.44 2.43 24.19
CA LEU C 409 3.46 1.43 23.88
C LEU C 409 4.85 2.01 24.11
N MET C 410 5.60 1.36 24.99
CA MET C 410 6.92 1.86 25.29
C MET C 410 7.99 1.02 24.63
N ILE C 411 8.70 1.62 23.67
CA ILE C 411 9.85 0.99 23.04
C ILE C 411 11.12 1.72 23.47
N ARG C 412 12.13 0.97 23.89
CA ARG C 412 13.38 1.56 24.32
C ARG C 412 14.40 1.73 23.19
N SER C 413 14.38 0.87 22.18
CA SER C 413 15.51 0.83 21.23
C SER C 413 15.13 1.00 19.78
N TYR C 414 16.17 1.12 18.95
CA TYR C 414 16.06 1.12 17.51
C TYR C 414 16.27 -0.31 17.07
N GLU C 415 15.30 -0.81 16.29
CA GLU C 415 15.37 -2.14 15.69
C GLU C 415 14.78 -2.13 14.28
N LEU C 416 15.14 -3.12 13.47
CA LEU C 416 14.67 -3.12 12.10
C LEU C 416 14.68 -4.52 11.57
N GLY C 417 13.64 -4.85 10.80
CA GLY C 417 13.48 -6.15 10.23
C GLY C 417 12.67 -6.07 8.95
N VAL C 418 12.63 -7.17 8.22
CA VAL C 418 11.84 -7.28 7.02
C VAL C 418 10.99 -8.51 7.19
N LEU C 419 9.72 -8.37 6.81
CA LEU C 419 8.73 -9.41 6.94
C LEU C 419 8.38 -9.94 5.56
N PHE C 420 8.42 -11.26 5.38
CA PHE C 420 8.10 -11.87 4.10
C PHE C 420 6.68 -12.39 4.21
N LEU C 421 5.80 -11.84 3.40
CA LEU C 421 4.39 -12.20 3.46
C LEU C 421 4.04 -12.82 2.12
N PRO C 422 3.46 -14.02 2.17
CA PRO C 422 3.03 -14.72 0.96
C PRO C 422 2.15 -13.84 0.04
N SER C 423 1.31 -13.00 0.63
CA SER C 423 0.43 -12.11 -0.14
C SER C 423 1.18 -11.11 -1.02
N ALA C 424 2.38 -10.72 -0.59
CA ALA C 424 3.23 -9.82 -1.34
C ALA C 424 3.82 -10.52 -2.59
N LEU C 425 3.77 -11.85 -2.60
CA LEU C 425 4.16 -12.62 -3.77
C LEU C 425 2.95 -13.19 -4.51
N GLY C 426 1.75 -12.94 -3.99
CA GLY C 426 0.52 -13.47 -4.57
C GLY C 426 0.21 -14.90 -4.17
N LEU C 427 0.72 -15.32 -3.02
CA LEU C 427 0.58 -16.69 -2.52
C LEU C 427 -0.19 -16.73 -1.19
N ASP C 428 -0.58 -17.93 -0.73
CA ASP C 428 -1.25 -18.08 0.57
C ASP C 428 -0.30 -18.47 1.69
N SER C 429 0.76 -19.19 1.31
CA SER C 429 1.76 -19.63 2.26
C SER C 429 3.03 -19.91 1.49
N PHE C 430 4.14 -20.06 2.21
CA PHE C 430 5.39 -20.48 1.61
C PHE C 430 5.61 -21.94 2.00
N LYS C 431 6.19 -22.71 1.10
CA LYS C 431 6.65 -24.06 1.46
C LYS C 431 8.04 -23.88 2.11
N VAL C 432 8.34 -24.65 3.15
CA VAL C 432 9.67 -24.58 3.76
C VAL C 432 10.65 -25.40 2.91
N LYS C 433 11.75 -24.77 2.50
CA LYS C 433 12.81 -25.48 1.82
C LYS C 433 13.50 -26.44 2.80
N GLN C 434 13.37 -27.74 2.57
CA GLN C 434 13.82 -28.75 3.52
C GLN C 434 15.34 -28.76 3.73
N LYS C 435 16.08 -28.56 2.64
CA LYS C 435 17.53 -28.46 2.69
C LYS C 435 18.00 -27.06 2.22
N PHE C 436 18.45 -26.25 3.18
CA PHE C 436 18.85 -24.86 2.91
C PHE C 436 19.83 -24.78 1.74
N ALA C 445 9.45 -19.97 -4.58
CA ALA C 445 8.13 -20.32 -4.01
C ALA C 445 8.24 -20.94 -2.61
N THR C 446 9.47 -21.31 -2.25
CA THR C 446 9.74 -22.05 -1.01
C THR C 446 10.81 -21.32 -0.17
N PHE C 447 10.44 -20.94 1.05
CA PHE C 447 11.28 -20.09 1.86
C PHE C 447 12.47 -20.84 2.49
N PRO C 448 13.67 -20.25 2.45
CA PRO C 448 14.85 -20.87 3.06
C PRO C 448 14.99 -20.65 4.58
N VAL C 449 14.28 -21.46 5.37
CA VAL C 449 14.41 -21.47 6.81
C VAL C 449 15.79 -22.03 7.18
N PRO C 450 16.63 -21.24 7.87
CA PRO C 450 18.05 -21.59 8.05
C PRO C 450 18.40 -22.56 9.17
N TYR C 451 17.45 -22.89 10.04
CA TYR C 451 17.64 -23.91 11.07
C TYR C 451 16.58 -25.02 10.93
N ASP C 452 16.75 -26.09 11.71
CA ASP C 452 15.93 -27.30 11.60
C ASP C 452 14.54 -27.20 12.24
N LEU C 453 13.61 -27.91 11.63
CA LEU C 453 12.27 -28.04 12.18
C LEU C 453 11.90 -29.53 12.29
N PRO C 454 11.05 -29.86 13.26
CA PRO C 454 10.59 -28.92 14.29
C PRO C 454 11.75 -28.60 15.27
N PRO C 455 11.67 -27.51 16.03
CA PRO C 455 12.67 -27.23 17.07
C PRO C 455 12.63 -28.31 18.16
N GLU C 456 13.79 -28.70 18.67
CA GLU C 456 13.89 -29.74 19.69
C GLU C 456 14.00 -29.14 21.11
N LEU C 457 13.20 -29.68 22.03
CA LEU C 457 13.15 -29.23 23.42
C LEU C 457 14.48 -29.40 24.13
N TYR C 458 14.76 -28.55 25.12
CA TYR C 458 15.89 -28.78 26.02
C TYR C 458 15.74 -30.15 26.71
N GLY C 459 16.80 -30.96 26.73
CA GLY C 459 16.85 -32.16 27.54
C GLY C 459 16.75 -31.74 29.01
N SER C 460 16.47 -32.66 29.91
CA SER C 460 16.31 -32.28 31.33
C SER C 460 17.63 -31.80 31.97
N LYS C 461 18.77 -32.19 31.41
CA LYS C 461 20.05 -31.63 31.90
C LYS C 461 20.58 -30.36 31.17
N ASP C 462 19.82 -29.85 30.20
CA ASP C 462 20.23 -28.66 29.45
C ASP C 462 19.89 -27.40 30.22
N ARG C 463 20.69 -26.36 30.02
CA ARG C 463 20.42 -25.05 30.60
C ARG C 463 20.57 -24.02 29.50
N PRO C 464 19.89 -22.89 29.65
CA PRO C 464 20.14 -21.76 28.74
C PRO C 464 21.58 -21.27 28.92
N TRP C 465 22.24 -20.90 27.83
CA TRP C 465 23.54 -20.26 27.94
C TRP C 465 23.37 -18.97 28.73
N ILE C 466 24.12 -18.84 29.83
CA ILE C 466 24.13 -17.61 30.64
C ILE C 466 25.56 -17.13 30.71
N TRP C 467 25.76 -15.88 30.29
CA TRP C 467 27.08 -15.40 29.95
C TRP C 467 28.00 -14.99 31.10
N ASN C 468 27.44 -14.80 32.30
CA ASN C 468 28.20 -14.23 33.42
C ASN C 468 28.30 -15.14 34.65
N ILE C 469 28.25 -16.44 34.38
CA ILE C 469 28.58 -17.45 35.37
C ILE C 469 29.63 -18.37 34.74
N PRO C 470 30.44 -19.02 35.56
CA PRO C 470 31.52 -19.87 35.05
C PRO C 470 31.06 -21.26 34.60
N TYR C 471 31.79 -21.82 33.64
CA TYR C 471 31.57 -23.18 33.18
C TYR C 471 32.93 -23.78 33.28
N VAL C 472 33.14 -24.62 34.30
CA VAL C 472 34.47 -25.16 34.60
C VAL C 472 34.48 -26.69 34.76
N LYS C 473 33.36 -27.34 34.49
CA LYS C 473 33.31 -28.80 34.67
C LYS C 473 33.67 -29.49 33.37
N ALA C 474 33.51 -28.79 32.26
CA ALA C 474 33.84 -29.37 30.97
C ALA C 474 34.47 -28.33 30.07
N PRO C 475 35.54 -28.73 29.39
CA PRO C 475 36.21 -27.84 28.43
C PRO C 475 35.40 -27.72 27.15
N ASP C 476 35.63 -26.64 26.41
CA ASP C 476 34.96 -26.44 25.16
C ASP C 476 35.76 -27.04 24.02
N THR C 477 35.26 -26.81 22.81
CA THR C 477 35.95 -27.13 21.60
C THR C 477 37.45 -26.90 21.65
N HIS C 478 37.90 -25.82 22.29
CA HIS C 478 39.32 -25.47 22.18
C HIS C 478 40.10 -25.88 23.46
N GLY C 479 39.45 -26.70 24.29
CA GLY C 479 39.99 -27.14 25.56
C GLY C 479 40.11 -26.06 26.64
N ASN C 480 39.27 -25.03 26.53
CA ASN C 480 39.26 -23.94 27.51
C ASN C 480 38.03 -24.04 28.41
N MET C 481 38.12 -23.32 29.52
CA MET C 481 37.01 -23.13 30.45
C MET C 481 36.45 -21.72 30.22
N TRP C 482 35.36 -21.40 30.91
CA TRP C 482 34.78 -20.07 30.85
C TRP C 482 34.64 -19.49 32.27
N VAL C 483 35.45 -18.48 32.58
CA VAL C 483 35.38 -17.82 33.89
C VAL C 483 35.25 -16.29 33.79
N PRO C 484 34.03 -15.77 33.83
CA PRO C 484 33.82 -14.33 33.65
C PRO C 484 34.27 -13.53 34.85
N SER C 485 34.78 -12.32 34.59
CA SER C 485 35.18 -11.33 35.60
C SER C 485 36.44 -10.62 35.13
N ASP D 36 -1.67 10.08 -26.00
CA ASP D 36 -0.61 10.51 -25.03
C ASP D 36 0.17 9.33 -24.41
N LYS D 37 1.50 9.45 -24.38
CA LYS D 37 2.38 8.46 -23.71
C LYS D 37 3.33 9.12 -22.67
N GLY D 38 3.07 8.88 -21.39
CA GLY D 38 3.86 9.50 -20.33
C GLY D 38 3.29 10.80 -19.78
N ASN D 39 1.99 11.03 -20.04
CA ASN D 39 1.18 11.89 -19.17
C ASN D 39 0.67 10.96 -18.06
N PRO D 40 0.82 11.39 -16.81
CA PRO D 40 0.59 10.50 -15.67
C PRO D 40 -0.89 10.33 -15.32
N PHE D 41 -1.73 11.25 -15.76
CA PHE D 41 -3.13 11.18 -15.38
C PHE D 41 -3.99 10.26 -16.21
N GLN D 42 -3.76 10.24 -17.53
CA GLN D 42 -4.55 9.43 -18.46
C GLN D 42 -6.06 9.65 -18.27
N PHE D 43 -6.40 10.90 -18.05
CA PHE D 43 -7.77 11.36 -17.92
C PHE D 43 -8.18 12.08 -19.20
N TYR D 44 -9.28 11.62 -19.82
CA TYR D 44 -9.75 12.22 -21.06
C TYR D 44 -11.24 12.54 -20.98
N LEU D 45 -11.66 13.44 -21.87
CA LEU D 45 -13.05 13.68 -22.19
C LEU D 45 -13.38 12.96 -23.50
N THR D 46 -14.68 12.82 -23.74
CA THR D 46 -15.17 12.19 -24.94
C THR D 46 -15.24 13.25 -26.00
N ARG D 47 -15.21 12.81 -27.25
CA ARG D 47 -15.33 13.70 -28.40
C ARG D 47 -16.72 14.34 -28.39
N VAL D 48 -16.79 15.63 -28.67
CA VAL D 48 -18.08 16.31 -28.78
C VAL D 48 -18.31 16.80 -30.19
N SER D 49 -19.39 16.34 -30.81
CA SER D 49 -19.64 16.69 -32.19
C SER D 49 -20.01 18.15 -32.30
N GLY D 50 -19.27 18.86 -33.13
CA GLY D 50 -19.72 20.18 -33.51
C GLY D 50 -18.91 21.30 -32.92
N VAL D 51 -18.13 21.03 -31.86
CA VAL D 51 -17.15 21.99 -31.36
C VAL D 51 -16.00 22.03 -32.36
N LYS D 52 -15.19 23.07 -32.27
CA LYS D 52 -13.97 23.22 -33.08
C LYS D 52 -12.98 22.09 -32.82
N PRO D 53 -12.37 21.56 -33.88
CA PRO D 53 -11.46 20.39 -33.78
C PRO D 53 -10.36 20.48 -32.70
N LYS D 54 -9.93 21.69 -32.35
CA LYS D 54 -8.97 21.91 -31.25
C LYS D 54 -9.46 21.50 -29.86
N TYR D 55 -10.78 21.48 -29.67
CA TYR D 55 -11.38 20.94 -28.45
C TYR D 55 -11.65 19.44 -28.56
N ASN D 56 -11.37 18.85 -29.72
CA ASN D 56 -11.48 17.40 -29.86
C ASN D 56 -10.17 16.65 -30.06
N SER D 57 -9.05 17.36 -30.20
CA SER D 57 -7.82 16.69 -30.59
C SER D 57 -7.31 15.76 -29.49
N GLY D 58 -7.36 16.19 -28.24
CA GLY D 58 -6.96 15.31 -27.16
C GLY D 58 -8.08 14.46 -26.57
N ALA D 59 -9.22 14.40 -27.24
CA ALA D 59 -10.38 13.67 -26.71
C ALA D 59 -10.59 12.33 -27.37
N LEU D 60 -11.39 11.47 -26.74
CA LEU D 60 -11.58 10.11 -27.23
C LEU D 60 -13.03 9.76 -27.48
N HIS D 61 -13.33 9.21 -28.64
CA HIS D 61 -14.65 8.61 -28.84
C HIS D 61 -14.50 7.11 -28.48
N ILE D 62 -15.60 6.40 -28.27
CA ILE D 62 -15.53 4.98 -27.97
C ILE D 62 -14.82 4.20 -29.10
N LYS D 63 -15.00 4.62 -30.34
CA LYS D 63 -14.33 3.93 -31.43
C LYS D 63 -12.81 3.97 -31.28
N ASP D 64 -12.25 5.07 -30.79
CA ASP D 64 -10.81 5.13 -30.55
C ASP D 64 -10.41 4.19 -29.44
N ILE D 65 -11.19 4.12 -28.37
CA ILE D 65 -10.89 3.25 -27.22
C ILE D 65 -10.82 1.79 -27.67
N LEU D 66 -11.72 1.39 -28.56
CA LEU D 66 -11.79 0.00 -28.99
C LEU D 66 -10.92 -0.31 -30.22
N SER D 67 -10.26 0.71 -30.77
CA SER D 67 -9.49 0.50 -32.00
C SER D 67 -8.31 -0.48 -31.82
N PRO D 68 -7.97 -1.22 -32.91
CA PRO D 68 -6.78 -2.09 -32.96
C PRO D 68 -5.55 -1.44 -32.39
N LEU D 69 -5.44 -0.12 -32.47
CA LEU D 69 -4.28 0.59 -31.97
C LEU D 69 -4.10 0.48 -30.45
N PHE D 70 -5.19 0.17 -29.73
CA PHE D 70 -5.13 0.10 -28.28
C PHE D 70 -4.73 -1.31 -27.85
N GLY D 71 -4.99 -2.28 -28.73
CA GLY D 71 -4.58 -3.65 -28.49
C GLY D 71 -5.34 -4.60 -29.38
N THR D 72 -4.88 -5.85 -29.45
CA THR D 72 -5.61 -6.88 -30.19
C THR D 72 -6.60 -7.56 -29.27
N LEU D 73 -7.87 -7.22 -29.45
CA LEU D 73 -8.92 -7.65 -28.56
C LEU D 73 -9.17 -9.14 -28.65
N VAL D 74 -9.25 -9.78 -27.49
CA VAL D 74 -9.57 -11.19 -27.35
C VAL D 74 -11.01 -11.34 -26.80
N SER D 75 -11.31 -10.61 -25.72
CA SER D 75 -12.66 -10.42 -25.20
C SER D 75 -12.73 -9.20 -24.33
N SER D 76 -13.95 -8.85 -23.95
CA SER D 76 -14.20 -7.64 -23.22
C SER D 76 -15.45 -7.77 -22.38
N ALA D 77 -15.48 -7.02 -21.30
CA ALA D 77 -16.66 -6.94 -20.44
C ALA D 77 -17.04 -5.48 -20.40
N GLN D 78 -18.34 -5.22 -20.49
CA GLN D 78 -18.87 -3.86 -20.50
C GLN D 78 -19.86 -3.69 -19.34
N PHE D 79 -19.38 -3.06 -18.27
CA PHE D 79 -20.21 -2.71 -17.12
C PHE D 79 -20.90 -1.40 -17.42
N ASN D 80 -22.20 -1.37 -17.27
CA ASN D 80 -22.89 -0.11 -17.50
C ASN D 80 -24.31 -0.09 -16.97
N TYR D 81 -24.97 1.04 -17.14
CA TYR D 81 -26.34 1.21 -16.72
C TYR D 81 -27.29 1.03 -17.91
N CYS D 82 -27.20 1.89 -18.92
CA CYS D 82 -27.99 1.76 -20.14
C CYS D 82 -27.15 1.27 -21.33
N PHE D 83 -27.76 0.41 -22.15
CA PHE D 83 -27.12 -0.21 -23.30
C PHE D 83 -27.99 -0.04 -24.52
N ASP D 84 -27.36 0.25 -25.65
CA ASP D 84 -27.96 0.07 -26.94
C ASP D 84 -27.05 -0.90 -27.66
N VAL D 85 -27.48 -2.17 -27.76
CA VAL D 85 -26.61 -3.24 -28.22
C VAL D 85 -26.20 -3.10 -29.67
N ASP D 86 -27.19 -2.93 -30.56
CA ASP D 86 -26.94 -2.59 -31.96
C ASP D 86 -25.90 -1.47 -32.10
N TRP D 87 -26.07 -0.33 -31.39
CA TRP D 87 -25.08 0.75 -31.46
C TRP D 87 -23.70 0.29 -30.89
N LEU D 88 -23.73 -0.42 -29.76
CA LEU D 88 -22.48 -0.80 -29.12
C LEU D 88 -21.59 -1.67 -30.02
N VAL D 89 -22.17 -2.76 -30.55
CA VAL D 89 -21.45 -3.67 -31.45
C VAL D 89 -20.81 -2.95 -32.64
N LYS D 90 -21.46 -1.92 -33.15
CA LYS D 90 -20.92 -1.11 -34.24
C LYS D 90 -19.73 -0.26 -33.80
N GLN D 91 -19.56 -0.03 -32.50
CA GLN D 91 -18.42 0.76 -32.06
C GLN D 91 -17.12 -0.05 -32.04
N TYR D 92 -17.22 -1.38 -32.07
CA TYR D 92 -16.04 -2.23 -32.12
C TYR D 92 -15.56 -2.21 -33.59
N PRO D 93 -14.24 -2.28 -33.83
CA PRO D 93 -13.75 -2.35 -35.22
C PRO D 93 -14.26 -3.64 -35.88
N PRO D 94 -14.55 -3.60 -37.18
CA PRO D 94 -15.10 -4.78 -37.89
C PRO D 94 -14.40 -6.07 -37.51
N GLU D 95 -13.08 -6.06 -37.44
CA GLU D 95 -12.31 -7.26 -37.11
C GLU D 95 -12.54 -7.82 -35.69
N PHE D 96 -13.01 -7.02 -34.75
CA PHE D 96 -13.22 -7.50 -33.38
C PHE D 96 -14.68 -7.78 -33.06
N ARG D 97 -15.56 -7.61 -34.03
CA ARG D 97 -17.01 -7.64 -33.74
C ARG D 97 -17.60 -8.99 -33.30
N LYS D 98 -16.86 -10.06 -33.45
CA LYS D 98 -17.39 -11.36 -33.07
C LYS D 98 -16.60 -11.96 -31.92
N LYS D 99 -15.64 -11.21 -31.37
CA LYS D 99 -15.03 -11.54 -30.07
C LYS D 99 -16.10 -11.52 -28.98
N PRO D 100 -15.94 -12.35 -27.94
CA PRO D 100 -16.92 -12.35 -26.86
C PRO D 100 -17.00 -10.99 -26.19
N ILE D 101 -18.24 -10.61 -25.83
CA ILE D 101 -18.55 -9.41 -25.08
C ILE D 101 -19.44 -9.85 -23.93
N LEU D 102 -19.09 -9.45 -22.72
CA LEU D 102 -19.98 -9.64 -21.59
C LEU D 102 -20.60 -8.29 -21.19
N LEU D 103 -21.92 -8.23 -21.15
CA LEU D 103 -22.61 -7.04 -20.68
C LEU D 103 -22.96 -7.27 -19.21
N VAL D 104 -22.43 -6.40 -18.35
CA VAL D 104 -22.79 -6.44 -16.94
C VAL D 104 -23.77 -5.30 -16.72
N HIS D 105 -24.98 -5.67 -16.28
CA HIS D 105 -26.07 -4.71 -16.12
C HIS D 105 -26.84 -5.04 -14.84
N GLY D 106 -27.83 -4.21 -14.48
CA GLY D 106 -28.71 -4.49 -13.36
C GLY D 106 -30.22 -4.53 -13.63
N ASP D 107 -30.62 -4.66 -14.88
CA ASP D 107 -32.04 -4.66 -15.23
C ASP D 107 -32.75 -5.89 -14.73
N LYS D 108 -34.01 -5.67 -14.35
CA LYS D 108 -34.87 -6.73 -13.86
C LYS D 108 -36.12 -6.89 -14.74
N ARG D 109 -36.78 -8.03 -14.61
CA ARG D 109 -38.13 -8.24 -15.13
C ARG D 109 -38.25 -7.83 -16.59
N GLU D 110 -39.08 -6.84 -16.90
CA GLU D 110 -39.36 -6.46 -18.30
C GLU D 110 -38.15 -5.88 -19.04
N ALA D 111 -37.50 -4.93 -18.38
CA ALA D 111 -36.25 -4.32 -18.82
C ALA D 111 -35.15 -5.36 -19.12
N LYS D 112 -35.02 -6.36 -18.27
CA LYS D 112 -34.14 -7.50 -18.55
C LYS D 112 -34.47 -8.20 -19.88
N ALA D 113 -35.75 -8.56 -20.04
CA ALA D 113 -36.22 -9.20 -21.27
C ALA D 113 -35.89 -8.34 -22.47
N HIS D 114 -36.09 -7.03 -22.35
CA HIS D 114 -35.82 -6.12 -23.46
C HIS D 114 -34.33 -6.16 -23.80
N LEU D 115 -33.49 -6.16 -22.77
CA LEU D 115 -32.05 -6.22 -22.94
C LEU D 115 -31.59 -7.55 -23.57
N HIS D 116 -32.10 -8.68 -23.07
CA HIS D 116 -31.81 -9.97 -23.68
C HIS D 116 -32.23 -9.98 -25.15
N ALA D 117 -33.47 -9.57 -25.42
CA ALA D 117 -33.95 -9.45 -26.82
C ALA D 117 -33.01 -8.63 -27.74
N GLN D 118 -32.43 -7.55 -27.21
CA GLN D 118 -31.48 -6.72 -27.95
C GLN D 118 -30.19 -7.49 -28.32
N ALA D 119 -29.67 -8.26 -27.37
CA ALA D 119 -28.44 -9.04 -27.57
C ALA D 119 -28.62 -10.35 -28.33
N LYS D 120 -29.84 -10.88 -28.39
CA LYS D 120 -30.10 -12.21 -29.01
C LYS D 120 -29.53 -12.44 -30.40
N PRO D 121 -29.60 -11.45 -31.30
CA PRO D 121 -29.03 -11.58 -32.65
C PRO D 121 -27.52 -11.81 -32.70
N TYR D 122 -26.84 -11.53 -31.59
CA TYR D 122 -25.38 -11.53 -31.55
C TYR D 122 -24.88 -12.70 -30.69
N GLU D 123 -24.50 -13.78 -31.36
CA GLU D 123 -24.14 -15.00 -30.65
C GLU D 123 -22.92 -14.86 -29.70
N ASN D 124 -22.02 -13.91 -30.01
CA ASN D 124 -20.86 -13.65 -29.16
C ASN D 124 -21.12 -12.87 -27.86
N ILE D 125 -22.36 -12.42 -27.63
CA ILE D 125 -22.66 -11.61 -26.45
C ILE D 125 -23.31 -12.42 -25.35
N SER D 126 -22.70 -12.36 -24.16
CA SER D 126 -23.31 -12.93 -22.97
C SER D 126 -23.75 -11.81 -22.04
N LEU D 127 -24.61 -12.14 -21.08
CA LEU D 127 -25.14 -11.17 -20.13
C LEU D 127 -24.92 -11.59 -18.67
N CYS D 128 -24.70 -10.59 -17.80
CA CYS D 128 -24.51 -10.79 -16.37
C CYS D 128 -25.37 -9.80 -15.62
N GLN D 129 -26.41 -10.33 -14.96
CA GLN D 129 -27.34 -9.49 -14.19
C GLN D 129 -26.75 -9.32 -12.81
N ALA D 130 -26.33 -8.09 -12.51
CA ALA D 130 -25.81 -7.78 -11.20
C ALA D 130 -26.95 -7.79 -10.19
N LYS D 131 -26.69 -8.41 -9.05
CA LYS D 131 -27.70 -8.52 -8.02
C LYS D 131 -27.88 -7.19 -7.31
N LEU D 132 -29.13 -6.73 -7.26
CA LEU D 132 -29.51 -5.52 -6.56
C LEU D 132 -30.55 -5.88 -5.47
N ASP D 133 -30.07 -6.37 -4.34
CA ASP D 133 -30.98 -6.86 -3.30
C ASP D 133 -31.40 -5.83 -2.28
N ILE D 134 -31.17 -4.55 -2.61
CA ILE D 134 -31.70 -3.45 -1.82
C ILE D 134 -32.47 -2.56 -2.79
N ALA D 135 -33.71 -2.23 -2.43
CA ALA D 135 -34.60 -1.48 -3.30
C ALA D 135 -34.06 -0.11 -3.68
N PHE D 136 -34.39 0.30 -4.91
CA PHE D 136 -34.03 1.60 -5.45
C PHE D 136 -32.55 1.70 -5.84
N GLY D 137 -31.85 0.59 -5.77
CA GLY D 137 -30.49 0.53 -6.27
C GLY D 137 -30.40 0.38 -7.78
N THR D 138 -29.26 0.77 -8.35
CA THR D 138 -29.02 0.47 -9.76
C THR D 138 -27.61 -0.05 -9.92
N HIS D 139 -27.38 -0.75 -11.02
CA HIS D 139 -26.03 -1.04 -11.41
C HIS D 139 -25.55 0.12 -12.24
N HIS D 140 -24.88 1.06 -11.59
CA HIS D 140 -24.52 2.33 -12.24
C HIS D 140 -23.07 2.45 -12.78
N THR D 141 -22.14 1.65 -12.27
CA THR D 141 -20.75 1.58 -12.75
C THR D 141 -20.61 1.54 -14.29
N LYS D 142 -19.65 2.31 -14.81
CA LYS D 142 -19.31 2.33 -16.24
C LYS D 142 -17.86 1.94 -16.36
N MET D 143 -17.64 0.73 -16.87
CA MET D 143 -16.30 0.20 -16.95
C MET D 143 -16.20 -0.80 -18.12
N MET D 144 -15.03 -0.78 -18.76
CA MET D 144 -14.69 -1.75 -19.81
C MET D 144 -13.52 -2.56 -19.31
N LEU D 145 -13.63 -3.88 -19.31
CA LEU D 145 -12.41 -4.66 -19.15
C LEU D 145 -12.05 -5.17 -20.55
N LEU D 146 -10.83 -4.88 -20.97
CA LEU D 146 -10.42 -5.17 -22.36
C LEU D 146 -9.23 -6.12 -22.34
N LEU D 147 -9.49 -7.38 -22.68
CA LEU D 147 -8.45 -8.39 -22.78
C LEU D 147 -7.90 -8.47 -24.19
N TYR D 148 -6.60 -8.27 -24.29
CA TYR D 148 -5.87 -8.29 -25.55
C TYR D 148 -4.93 -9.49 -25.60
N GLU D 149 -4.36 -9.71 -26.78
CA GLU D 149 -3.20 -10.60 -26.92
C GLU D 149 -1.99 -10.05 -26.15
N GLU D 150 -1.84 -8.72 -26.16
CA GLU D 150 -0.71 -8.00 -25.57
C GLU D 150 -0.83 -7.81 -24.05
N GLY D 151 -2.04 -7.92 -23.51
CA GLY D 151 -2.24 -7.72 -22.07
C GLY D 151 -3.68 -7.36 -21.73
N LEU D 152 -3.87 -6.52 -20.73
CA LEU D 152 -5.20 -6.13 -20.26
C LEU D 152 -5.23 -4.63 -20.15
N ARG D 153 -6.38 -4.04 -20.49
CA ARG D 153 -6.66 -2.65 -20.19
C ARG D 153 -7.97 -2.51 -19.41
N VAL D 154 -7.99 -1.61 -18.43
CA VAL D 154 -9.20 -1.28 -17.66
C VAL D 154 -9.53 0.16 -18.01
N VAL D 155 -10.79 0.43 -18.36
CA VAL D 155 -11.31 1.76 -18.63
C VAL D 155 -12.46 2.04 -17.65
N ILE D 156 -12.31 3.11 -16.85
CA ILE D 156 -13.37 3.56 -15.95
C ILE D 156 -13.82 4.95 -16.39
N HIS D 157 -15.12 5.08 -16.67
CA HIS D 157 -15.64 6.26 -17.33
C HIS D 157 -17.06 6.61 -16.88
N THR D 158 -17.76 7.50 -17.59
CA THR D 158 -19.02 8.01 -17.05
C THR D 158 -20.18 7.87 -18.01
N SER D 159 -19.90 7.34 -19.20
CA SER D 159 -20.90 7.26 -20.27
C SER D 159 -21.67 5.93 -20.34
N ASN D 160 -22.99 6.05 -20.49
CA ASN D 160 -23.83 4.94 -20.90
C ASN D 160 -23.45 4.49 -22.30
N LEU D 161 -23.77 3.24 -22.64
CA LEU D 161 -23.39 2.73 -23.93
C LEU D 161 -24.57 2.99 -24.88
N ILE D 162 -24.88 4.27 -25.08
CA ILE D 162 -25.89 4.73 -26.04
C ILE D 162 -25.32 5.94 -26.77
N HIS D 163 -25.89 6.20 -27.96
CA HIS D 163 -25.32 7.15 -28.93
C HIS D 163 -25.30 8.52 -28.32
N ALA D 164 -26.41 8.88 -27.70
CA ALA D 164 -26.56 10.21 -27.13
C ALA D 164 -25.48 10.54 -26.07
N ASP D 165 -25.07 9.56 -25.29
CA ASP D 165 -24.05 9.80 -24.26
C ASP D 165 -22.60 10.09 -24.77
N TRP D 166 -22.32 9.73 -26.02
CA TRP D 166 -20.97 9.96 -26.57
C TRP D 166 -21.01 10.97 -27.73
N HIS D 167 -22.13 11.71 -27.82
CA HIS D 167 -22.37 12.57 -28.96
C HIS D 167 -22.07 14.04 -28.60
N GLN D 168 -22.89 14.62 -27.73
CA GLN D 168 -22.69 16.03 -27.36
C GLN D 168 -22.57 16.32 -25.85
N LYS D 169 -22.13 15.34 -25.07
CA LYS D 169 -22.09 15.48 -23.62
C LYS D 169 -20.67 15.69 -23.13
N THR D 170 -20.50 16.36 -22.00
CA THR D 170 -19.23 16.32 -21.32
C THR D 170 -19.18 15.08 -20.46
N GLN D 171 -18.26 14.17 -20.82
CA GLN D 171 -18.04 12.86 -20.17
C GLN D 171 -16.56 12.69 -19.84
N GLY D 172 -16.22 11.83 -18.86
CA GLY D 172 -14.85 11.60 -18.45
C GLY D 172 -14.43 10.14 -18.63
N ILE D 173 -13.18 9.94 -19.07
CA ILE D 173 -12.59 8.62 -19.18
C ILE D 173 -11.25 8.51 -18.40
N TRP D 174 -11.01 7.40 -17.69
CA TRP D 174 -9.67 7.08 -17.19
C TRP D 174 -9.18 5.84 -17.92
N LEU D 175 -7.97 5.95 -18.49
CA LEU D 175 -7.38 4.88 -19.28
C LEU D 175 -6.22 4.21 -18.54
N SER D 176 -6.42 2.96 -18.11
CA SER D 176 -5.32 2.22 -17.51
C SER D 176 -4.15 2.09 -18.53
N PRO D 177 -2.95 1.80 -18.02
CA PRO D 177 -1.85 1.33 -18.86
C PRO D 177 -2.24 0.01 -19.47
N LEU D 178 -1.60 -0.36 -20.57
CA LEU D 178 -1.63 -1.75 -21.00
C LEU D 178 -0.89 -2.59 -19.93
N TYR D 179 -1.62 -3.47 -19.26
CA TYR D 179 -1.04 -4.28 -18.21
C TYR D 179 -0.55 -5.60 -18.82
N PRO D 180 0.73 -5.94 -18.62
CA PRO D 180 1.29 -7.14 -19.24
C PRO D 180 0.93 -8.34 -18.41
N ARG D 181 0.88 -9.49 -19.08
CA ARG D 181 0.74 -10.76 -18.41
C ARG D 181 1.90 -11.04 -17.48
N ILE D 182 1.63 -11.67 -16.34
CA ILE D 182 2.72 -12.11 -15.45
C ILE D 182 3.33 -13.41 -15.99
N ALA D 183 4.67 -13.43 -16.00
CA ALA D 183 5.47 -14.53 -16.58
C ALA D 183 5.05 -15.95 -16.12
N ASP D 184 5.46 -16.94 -16.92
CA ASP D 184 5.25 -18.36 -16.58
C ASP D 184 6.02 -18.75 -15.30
N GLY D 185 5.27 -19.29 -14.34
CA GLY D 185 5.79 -19.58 -13.01
C GLY D 185 6.62 -18.49 -12.35
N THR D 186 6.31 -17.22 -12.62
CA THR D 186 6.90 -16.12 -11.85
C THR D 186 6.09 -15.95 -10.57
N HIS D 187 6.74 -15.47 -9.51
CA HIS D 187 6.06 -15.24 -8.24
C HIS D 187 6.02 -13.74 -7.97
N LYS D 188 4.98 -13.10 -8.49
CA LYS D 188 4.82 -11.65 -8.45
C LYS D 188 3.36 -11.40 -8.11
N SER D 189 3.12 -10.39 -7.27
CA SER D 189 1.76 -9.96 -6.94
C SER D 189 1.12 -9.26 -8.12
N GLY D 190 1.92 -8.48 -8.85
CA GLY D 190 1.43 -7.58 -9.86
C GLY D 190 0.63 -6.43 -9.26
N GLU D 191 0.94 -6.10 -8.02
CA GLU D 191 0.13 -5.14 -7.27
C GLU D 191 0.73 -3.73 -7.34
N SER D 192 -0.12 -2.70 -7.36
CA SER D 192 0.40 -1.33 -7.32
C SER D 192 0.49 -0.81 -5.87
N PRO D 193 1.25 0.26 -5.63
CA PRO D 193 1.24 0.91 -4.31
C PRO D 193 -0.13 1.44 -3.86
N THR D 194 -1.05 1.63 -4.80
CA THR D 194 -2.40 2.08 -4.44
C THR D 194 -3.36 0.91 -4.20
N HIS D 195 -2.88 -0.32 -4.41
CA HIS D 195 -3.62 -1.56 -4.16
C HIS D 195 -4.77 -1.77 -5.17
N PHE D 196 -4.65 -1.11 -6.32
CA PHE D 196 -5.69 -1.11 -7.33
C PHE D 196 -6.12 -2.53 -7.67
N LYS D 197 -5.13 -3.41 -7.80
CA LYS D 197 -5.41 -4.77 -8.23
C LYS D 197 -6.28 -5.52 -7.25
N ALA D 198 -5.87 -5.60 -5.98
CA ALA D 198 -6.71 -6.19 -4.93
C ALA D 198 -8.06 -5.46 -4.79
N ASN D 199 -8.08 -4.12 -4.94
CA ASN D 199 -9.32 -3.35 -4.83
C ASN D 199 -10.30 -3.65 -5.97
N LEU D 200 -9.77 -3.88 -7.17
CA LEU D 200 -10.62 -4.15 -8.32
C LEU D 200 -11.16 -5.55 -8.19
N ILE D 201 -10.27 -6.46 -7.81
CA ILE D 201 -10.68 -7.81 -7.54
C ILE D 201 -11.77 -7.87 -6.46
N SER D 202 -11.61 -7.13 -5.34
CA SER D 202 -12.66 -7.11 -4.29
C SER D 202 -13.95 -6.55 -4.84
N TYR D 203 -13.86 -5.45 -5.60
CA TYR D 203 -15.05 -4.86 -6.22
C TYR D 203 -15.78 -5.95 -7.02
N LEU D 204 -15.05 -6.66 -7.89
CA LEU D 204 -15.67 -7.65 -8.75
C LEU D 204 -16.24 -8.85 -8.00
N THR D 205 -15.57 -9.21 -6.91
CA THR D 205 -15.94 -10.34 -6.06
C THR D 205 -17.28 -10.17 -5.39
N ALA D 206 -17.63 -8.92 -5.10
CA ALA D 206 -18.88 -8.57 -4.42
C ALA D 206 -20.13 -8.80 -5.31
N TYR D 207 -19.93 -9.02 -6.61
CA TYR D 207 -21.05 -9.40 -7.48
C TYR D 207 -21.48 -10.85 -7.28
N ASN D 208 -20.58 -11.70 -6.77
CA ASN D 208 -20.87 -13.14 -6.65
C ASN D 208 -21.36 -13.78 -7.95
N ALA D 209 -20.77 -13.38 -9.08
CA ALA D 209 -21.22 -13.82 -10.39
C ALA D 209 -20.17 -14.69 -11.13
N PRO D 210 -20.61 -15.86 -11.60
CA PRO D 210 -19.69 -16.82 -12.25
C PRO D 210 -18.93 -16.15 -13.38
N SER D 211 -19.63 -15.41 -14.23
CA SER D 211 -19.02 -14.75 -15.39
C SER D 211 -17.93 -13.72 -15.02
N LEU D 212 -18.01 -13.18 -13.84
CA LEU D 212 -17.01 -12.20 -13.40
C LEU D 212 -15.81 -12.86 -12.74
N LYS D 213 -16.01 -14.10 -12.28
CA LYS D 213 -14.95 -14.84 -11.64
C LYS D 213 -13.90 -15.14 -12.71
N GLU D 214 -14.34 -15.52 -13.89
CA GLU D 214 -13.41 -15.60 -15.01
C GLU D 214 -12.64 -14.29 -15.23
N TRP D 215 -13.29 -13.13 -15.06
CA TRP D 215 -12.57 -11.86 -15.26
C TRP D 215 -11.59 -11.59 -14.11
N ILE D 216 -11.94 -12.10 -12.93
CA ILE D 216 -11.13 -11.96 -11.74
C ILE D 216 -9.87 -12.77 -11.94
N ASP D 217 -10.03 -13.97 -12.46
CA ASP D 217 -8.88 -14.80 -12.82
C ASP D 217 -8.00 -14.15 -13.90
N VAL D 218 -8.62 -13.44 -14.84
CA VAL D 218 -7.80 -12.75 -15.83
C VAL D 218 -6.94 -11.68 -15.13
N ILE D 219 -7.52 -10.96 -14.18
CA ILE D 219 -6.78 -9.88 -13.52
C ILE D 219 -5.64 -10.44 -12.64
N HIS D 220 -5.93 -11.48 -11.84
CA HIS D 220 -4.93 -12.22 -11.08
C HIS D 220 -3.66 -12.52 -11.91
N LYS D 221 -3.84 -12.90 -13.17
CA LYS D 221 -2.74 -13.22 -14.06
C LYS D 221 -1.99 -12.02 -14.70
N HIS D 222 -2.47 -10.80 -14.49
CA HIS D 222 -1.78 -9.65 -15.09
C HIS D 222 -1.04 -8.80 -14.07
N ASP D 223 -0.15 -7.96 -14.56
CA ASP D 223 0.65 -7.06 -13.72
C ASP D 223 0.08 -5.66 -13.77
N LEU D 224 -0.53 -5.26 -12.65
CA LEU D 224 -1.17 -3.94 -12.55
C LEU D 224 -0.32 -2.95 -11.74
N SER D 225 0.98 -3.22 -11.59
CA SER D 225 1.81 -2.46 -10.65
C SER D 225 2.04 -1.01 -11.05
N GLU D 226 1.93 -0.68 -12.33
CA GLU D 226 2.11 0.71 -12.77
C GLU D 226 0.92 1.63 -12.48
N THR D 227 -0.15 1.10 -11.88
CA THR D 227 -1.34 1.89 -11.58
C THR D 227 -1.06 2.94 -10.51
N ASN D 228 -1.39 4.19 -10.81
CA ASN D 228 -1.11 5.31 -9.91
C ASN D 228 -2.39 6.01 -9.38
N VAL D 229 -3.55 5.38 -9.58
CA VAL D 229 -4.80 5.93 -9.06
C VAL D 229 -5.38 4.97 -8.04
N TYR D 230 -6.25 5.47 -7.16
CA TYR D 230 -6.96 4.64 -6.19
C TYR D 230 -8.36 4.30 -6.68
N LEU D 231 -8.76 3.04 -6.46
CA LEU D 231 -10.13 2.63 -6.80
C LEU D 231 -11.17 3.02 -5.71
N ILE D 232 -12.23 3.70 -6.10
CA ILE D 232 -13.34 3.99 -5.17
C ILE D 232 -14.64 3.35 -5.68
N GLY D 233 -14.98 2.20 -5.12
CA GLY D 233 -16.20 1.51 -5.50
C GLY D 233 -17.33 1.76 -4.51
N SER D 234 -18.56 1.75 -5.03
CA SER D 234 -19.75 1.50 -4.24
C SER D 234 -20.31 0.17 -4.72
N THR D 235 -20.77 -0.63 -3.76
CA THR D 235 -21.47 -1.88 -4.03
C THR D 235 -22.67 -2.02 -3.04
N PRO D 236 -23.77 -2.64 -3.45
CA PRO D 236 -24.97 -2.68 -2.61
C PRO D 236 -24.71 -3.50 -1.37
N GLY D 237 -25.09 -2.94 -0.23
CA GLY D 237 -25.08 -3.68 1.01
C GLY D 237 -25.09 -2.79 2.26
N ARG D 238 -24.86 -3.45 3.38
CA ARG D 238 -24.72 -2.79 4.68
C ARG D 238 -23.36 -3.13 5.26
N PHE D 239 -22.58 -2.11 5.58
CA PHE D 239 -21.21 -2.35 6.05
C PHE D 239 -20.90 -1.85 7.46
N GLN D 240 -20.52 -2.80 8.31
CA GLN D 240 -20.13 -2.60 9.70
C GLN D 240 -18.65 -2.97 9.89
N GLY D 241 -18.09 -2.63 11.06
CA GLY D 241 -16.75 -3.05 11.44
C GLY D 241 -15.72 -2.63 10.41
N SER D 242 -14.78 -3.54 10.11
CA SER D 242 -13.70 -3.25 9.15
C SER D 242 -14.22 -2.99 7.72
N GLN D 243 -15.32 -3.65 7.38
CA GLN D 243 -15.96 -3.53 6.08
C GLN D 243 -16.49 -2.12 5.79
N LYS D 244 -16.69 -1.32 6.83
CA LYS D 244 -17.28 0.01 6.71
C LYS D 244 -16.46 0.99 5.85
N ASP D 245 -15.15 0.78 5.81
CA ASP D 245 -14.21 1.62 5.05
C ASP D 245 -14.05 1.18 3.60
N ASN D 246 -14.77 0.13 3.19
CA ASN D 246 -14.50 -0.51 1.91
C ASN D 246 -15.09 0.21 0.70
N TRP D 247 -16.23 0.89 0.91
CA TRP D 247 -17.06 1.44 -0.17
C TRP D 247 -17.60 2.87 0.09
N GLY D 248 -18.15 3.50 -0.97
CA GLY D 248 -18.80 4.80 -0.92
C GLY D 248 -17.96 5.88 -0.28
N HIS D 249 -18.60 6.77 0.46
CA HIS D 249 -17.91 7.97 0.94
C HIS D 249 -16.93 7.71 2.07
N PHE D 250 -17.16 6.63 2.82
CA PHE D 250 -16.19 6.19 3.83
C PHE D 250 -14.88 5.62 3.23
N ARG D 251 -14.96 5.04 2.03
CA ARG D 251 -13.79 4.61 1.32
C ARG D 251 -12.95 5.82 0.95
N LEU D 252 -13.62 6.85 0.45
CA LEU D 252 -12.95 8.10 0.14
C LEU D 252 -12.29 8.67 1.39
N LYS D 253 -13.06 8.78 2.46
CA LYS D 253 -12.54 9.25 3.74
C LYS D 253 -11.25 8.56 4.12
N LYS D 254 -11.27 7.22 4.10
CA LYS D 254 -10.14 6.42 4.53
C LYS D 254 -8.87 6.74 3.73
N LEU D 255 -9.03 6.87 2.43
CA LEU D 255 -7.92 7.14 1.53
C LEU D 255 -7.41 8.54 1.78
N LEU D 256 -8.34 9.44 2.11
CA LEU D 256 -7.95 10.83 2.39
C LEU D 256 -7.22 10.92 3.75
N LYS D 257 -7.73 10.20 4.73
CA LYS D 257 -7.08 10.05 6.02
C LYS D 257 -5.65 9.53 5.83
N ASP D 258 -5.49 8.44 5.10
CA ASP D 258 -4.21 7.72 4.96
C ASP D 258 -3.18 8.32 4.01
N HIS D 259 -3.64 9.01 2.96
CA HIS D 259 -2.74 9.32 1.84
C HIS D 259 -2.70 10.77 1.36
N ALA D 260 -3.46 11.62 2.03
CA ALA D 260 -3.35 13.07 1.87
C ALA D 260 -2.97 13.67 3.23
N SER D 261 -2.26 14.79 3.20
CA SER D 261 -1.87 15.48 4.42
C SER D 261 -2.61 16.79 4.49
N SER D 262 -2.94 17.24 5.71
CA SER D 262 -3.51 18.57 5.90
C SER D 262 -2.45 19.64 5.70
N MET D 263 -2.90 20.78 5.20
CA MET D 263 -2.09 21.98 5.13
C MET D 263 -2.63 22.96 6.18
N PRO D 264 -1.90 24.02 6.49
CA PRO D 264 -2.48 25.11 7.29
C PRO D 264 -3.51 25.85 6.42
N ASN D 265 -4.61 26.25 7.05
CA ASN D 265 -5.72 26.94 6.39
C ASN D 265 -6.60 26.01 5.57
N ALA D 266 -6.51 24.72 5.89
CA ALA D 266 -7.36 23.67 5.31
C ALA D 266 -8.84 24.04 5.32
N GLU D 267 -9.24 24.75 6.38
CA GLU D 267 -10.61 25.22 6.55
C GLU D 267 -11.09 26.13 5.40
N SER D 268 -10.17 26.74 4.68
CA SER D 268 -10.56 27.52 3.50
C SER D 268 -10.32 26.85 2.16
N TRP D 269 -9.84 25.60 2.15
CA TRP D 269 -9.83 24.83 0.89
C TRP D 269 -11.24 24.34 0.63
N PRO D 270 -11.88 24.88 -0.40
CA PRO D 270 -13.24 24.45 -0.79
C PRO D 270 -13.36 22.97 -1.15
N VAL D 271 -14.58 22.45 -1.08
CA VAL D 271 -14.89 21.14 -1.66
C VAL D 271 -15.84 21.40 -2.83
N VAL D 272 -15.69 20.63 -3.89
CA VAL D 272 -16.48 20.82 -5.10
C VAL D 272 -17.03 19.48 -5.52
N GLY D 273 -18.35 19.40 -5.73
CA GLY D 273 -18.99 18.24 -6.30
C GLY D 273 -19.70 18.67 -7.55
N GLN D 274 -19.66 17.83 -8.56
CA GLN D 274 -20.18 18.17 -9.89
C GLN D 274 -20.84 16.90 -10.39
N PHE D 275 -22.09 16.96 -10.80
CA PHE D 275 -22.88 15.73 -11.02
C PHE D 275 -24.04 15.96 -11.96
N SER D 276 -24.75 14.89 -12.30
CA SER D 276 -25.81 15.02 -13.32
C SER D 276 -27.12 14.44 -12.86
N SER D 277 -27.16 13.97 -11.63
CA SER D 277 -28.41 13.50 -11.02
C SER D 277 -28.37 13.81 -9.53
N VAL D 278 -29.52 14.11 -8.94
CA VAL D 278 -29.61 14.49 -7.51
C VAL D 278 -30.60 13.57 -6.76
N GLY D 279 -30.15 12.99 -5.64
CA GLY D 279 -31.01 12.13 -4.82
C GLY D 279 -31.78 12.94 -3.77
N SER D 280 -32.71 12.35 -3.05
CA SER D 280 -33.29 13.08 -1.91
C SER D 280 -32.34 13.04 -0.70
N LEU D 281 -31.88 14.20 -0.30
CA LEU D 281 -30.82 14.32 0.69
C LEU D 281 -31.32 14.63 2.10
N GLY D 282 -32.64 14.83 2.23
CA GLY D 282 -33.21 15.09 3.53
C GLY D 282 -33.73 16.51 3.69
N ALA D 283 -34.44 16.73 4.81
CA ALA D 283 -35.24 17.95 5.00
C ALA D 283 -34.39 19.19 5.19
N ASP D 284 -33.15 19.01 5.64
CA ASP D 284 -32.14 20.09 5.64
C ASP D 284 -30.72 19.56 5.40
N GLU D 285 -29.75 20.47 5.30
CA GLU D 285 -28.37 20.13 5.05
C GLU D 285 -27.66 19.30 6.10
N SER D 286 -28.20 19.24 7.32
CA SER D 286 -27.56 18.47 8.41
C SER D 286 -27.91 16.98 8.41
N LYS D 287 -28.92 16.59 7.63
CA LYS D 287 -29.33 15.19 7.57
C LYS D 287 -28.29 14.26 6.95
N TRP D 288 -27.55 14.76 5.98
CA TRP D 288 -26.64 13.93 5.19
C TRP D 288 -25.59 14.79 4.50
N LEU D 289 -26.03 15.76 3.69
CA LEU D 289 -25.08 16.53 2.87
C LEU D 289 -23.91 17.13 3.65
N CYS D 290 -24.19 17.78 4.77
CA CYS D 290 -23.14 18.54 5.45
C CYS D 290 -22.70 17.86 6.73
N SER D 291 -23.33 16.75 7.05
CA SER D 291 -22.92 15.98 8.21
C SER D 291 -22.01 14.86 7.76
N GLU D 292 -22.53 13.83 7.10
CA GLU D 292 -21.64 12.73 6.71
C GLU D 292 -20.85 12.91 5.37
N PHE D 293 -21.51 13.31 4.29
CA PHE D 293 -20.88 13.41 2.99
C PHE D 293 -19.77 14.46 2.89
N LYS D 294 -20.06 15.71 3.29
CA LYS D 294 -19.01 16.74 3.30
C LYS D 294 -17.93 16.40 4.30
N GLU D 295 -18.30 15.77 5.41
CA GLU D 295 -17.33 15.34 6.41
C GLU D 295 -16.29 14.40 5.84
N SER D 296 -16.73 13.41 5.06
CA SER D 296 -15.79 12.54 4.35
C SER D 296 -14.93 13.34 3.37
N MET D 297 -15.56 14.20 2.56
CA MET D 297 -14.82 14.96 1.54
C MET D 297 -13.84 16.04 2.00
N LEU D 298 -14.05 16.60 3.19
CA LEU D 298 -13.10 17.58 3.72
C LEU D 298 -11.99 16.92 4.54
N THR D 299 -12.01 15.59 4.63
CA THR D 299 -10.97 14.89 5.36
C THR D 299 -9.60 15.02 4.68
N LEU D 300 -8.57 15.33 5.47
CA LEU D 300 -7.18 15.38 5.00
C LEU D 300 -6.22 14.97 6.10
N GLY D 301 -5.66 13.76 6.04
CA GLY D 301 -4.69 13.31 7.03
C GLY D 301 -5.34 12.77 8.29
N SER D 311 -17.11 25.04 8.40
CA SER D 311 -16.83 26.33 7.74
C SER D 311 -16.23 26.21 6.31
N VAL D 312 -15.92 24.98 5.89
CA VAL D 312 -15.38 24.74 4.55
C VAL D 312 -16.45 25.05 3.51
N PRO D 313 -16.12 25.86 2.50
CA PRO D 313 -17.10 26.24 1.47
C PRO D 313 -17.40 25.01 0.61
N LEU D 314 -18.67 24.84 0.29
CA LEU D 314 -19.10 23.76 -0.58
C LEU D 314 -19.71 24.33 -1.84
N TYR D 315 -19.15 23.92 -2.97
CA TYR D 315 -19.60 24.32 -4.28
C TYR D 315 -20.18 23.07 -4.95
N LEU D 316 -21.45 23.12 -5.34
CA LEU D 316 -22.06 22.07 -6.16
C LEU D 316 -22.39 22.60 -7.54
N ILE D 317 -21.87 21.89 -8.57
CA ILE D 317 -22.07 22.22 -9.97
C ILE D 317 -23.14 21.30 -10.57
N TYR D 318 -24.20 21.89 -11.13
CA TYR D 318 -25.34 21.13 -11.69
C TYR D 318 -26.05 22.07 -12.65
N PRO D 319 -26.33 21.63 -13.86
CA PRO D 319 -26.86 22.55 -14.90
C PRO D 319 -28.16 23.26 -14.53
N SER D 320 -28.14 24.59 -14.65
CA SER D 320 -29.37 25.39 -14.63
C SER D 320 -30.26 25.06 -15.84
N VAL D 321 -31.54 25.42 -15.74
CA VAL D 321 -32.45 25.37 -16.87
C VAL D 321 -31.89 26.10 -18.10
N GLU D 322 -31.31 27.28 -17.91
CA GLU D 322 -30.69 28.06 -18.99
C GLU D 322 -29.46 27.37 -19.62
N ASN D 323 -28.64 26.72 -18.80
CA ASN D 323 -27.57 25.86 -19.31
C ASN D 323 -28.10 24.84 -20.33
N VAL D 324 -29.22 24.20 -19.97
CA VAL D 324 -29.81 23.11 -20.77
C VAL D 324 -30.47 23.64 -22.05
N ARG D 325 -31.32 24.65 -21.91
CA ARG D 325 -31.91 25.36 -23.05
C ARG D 325 -30.88 25.82 -24.10
N THR D 326 -29.76 26.38 -23.66
CA THR D 326 -28.81 26.86 -24.66
C THR D 326 -27.76 25.83 -25.06
N SER D 327 -27.93 24.59 -24.66
CA SER D 327 -26.92 23.57 -24.89
C SER D 327 -26.95 23.10 -26.34
N LEU D 328 -25.94 22.31 -26.73
CA LEU D 328 -25.86 21.80 -28.11
C LEU D 328 -27.07 20.94 -28.47
N GLU D 329 -27.60 20.22 -27.48
CA GLU D 329 -28.75 19.33 -27.67
C GLU D 329 -30.08 20.00 -27.37
N GLY D 330 -30.05 21.18 -26.77
CA GLY D 330 -31.28 21.83 -26.31
C GLY D 330 -31.90 21.09 -25.14
N TYR D 331 -33.22 21.22 -24.99
CA TYR D 331 -33.94 20.61 -23.85
C TYR D 331 -33.74 19.08 -23.69
N PRO D 332 -33.71 18.32 -24.79
CA PRO D 332 -33.42 16.89 -24.72
C PRO D 332 -32.18 16.52 -23.90
N ALA D 333 -31.19 17.41 -23.76
CA ALA D 333 -30.07 17.14 -22.87
C ALA D 333 -30.66 16.83 -21.49
N GLY D 334 -31.80 17.47 -21.18
CA GLY D 334 -32.48 17.21 -19.91
C GLY D 334 -32.96 15.77 -19.66
N GLY D 335 -33.07 14.95 -20.72
CA GLY D 335 -33.37 13.54 -20.55
C GLY D 335 -32.30 12.80 -19.71
N SER D 336 -31.10 13.36 -19.63
CA SER D 336 -29.98 12.67 -19.01
C SER D 336 -29.57 13.41 -17.74
N LEU D 337 -30.44 14.33 -17.32
CA LEU D 337 -30.29 15.09 -16.09
C LEU D 337 -31.55 14.88 -15.25
N PRO D 338 -31.74 13.67 -14.72
CA PRO D 338 -33.04 13.25 -14.19
C PRO D 338 -33.38 13.68 -12.76
N TYR D 339 -33.37 14.98 -12.44
CA TYR D 339 -33.82 15.48 -11.13
C TYR D 339 -35.33 15.77 -11.22
N SER D 340 -36.11 15.16 -10.34
CA SER D 340 -37.57 15.21 -10.43
C SER D 340 -38.12 16.26 -9.48
N ILE D 341 -39.24 16.87 -9.83
CA ILE D 341 -39.89 17.88 -8.96
C ILE D 341 -40.26 17.31 -7.58
N GLN D 342 -40.71 16.06 -7.55
CA GLN D 342 -41.07 15.39 -6.30
C GLN D 342 -39.90 15.40 -5.33
N THR D 343 -38.69 15.24 -5.84
CA THR D 343 -37.50 15.28 -5.00
C THR D 343 -37.08 16.73 -4.70
N ALA D 344 -37.08 17.57 -5.72
CA ALA D 344 -36.62 18.94 -5.60
C ALA D 344 -37.50 19.78 -4.66
N GLU D 345 -38.80 19.55 -4.69
CA GLU D 345 -39.72 20.35 -3.88
C GLU D 345 -39.56 20.11 -2.37
N LYS D 346 -39.03 18.95 -2.00
CA LYS D 346 -38.74 18.66 -0.58
C LYS D 346 -37.37 19.15 -0.08
N GLN D 347 -36.58 19.79 -0.96
CA GLN D 347 -35.21 20.15 -0.58
C GLN D 347 -34.69 21.40 -1.26
N ASN D 348 -35.51 22.44 -1.30
CA ASN D 348 -35.13 23.74 -1.85
C ASN D 348 -33.91 24.36 -1.21
N TRP D 349 -33.63 24.01 0.04
CA TRP D 349 -32.43 24.52 0.72
C TRP D 349 -31.14 24.15 -0.08
N LEU D 350 -31.18 23.02 -0.80
CA LEU D 350 -30.00 22.47 -1.47
C LEU D 350 -29.55 23.41 -2.58
N HIS D 351 -30.53 24.07 -3.18
CA HIS D 351 -30.33 24.83 -4.40
C HIS D 351 -29.49 26.08 -4.24
N SER D 352 -29.36 26.60 -3.02
CA SER D 352 -28.44 27.71 -2.76
C SER D 352 -26.95 27.29 -2.79
N TYR D 353 -26.70 25.99 -2.87
CA TYR D 353 -25.33 25.48 -3.06
C TYR D 353 -24.99 25.34 -4.56
N PHE D 354 -25.97 25.56 -5.43
CA PHE D 354 -25.84 25.21 -6.82
C PHE D 354 -25.13 26.24 -7.68
N HIS D 355 -24.26 25.74 -8.56
CA HIS D 355 -23.50 26.59 -9.46
C HIS D 355 -23.65 26.11 -10.89
N LYS D 356 -23.62 27.07 -11.82
CA LYS D 356 -23.79 26.84 -13.24
C LYS D 356 -22.74 25.90 -13.84
N TRP D 357 -23.11 25.20 -14.90
CA TRP D 357 -22.15 24.48 -15.71
C TRP D 357 -21.44 25.47 -16.60
N SER D 358 -20.12 25.50 -16.46
CA SER D 358 -19.29 26.32 -17.35
C SER D 358 -17.97 25.64 -17.64
N ALA D 359 -17.55 25.67 -18.90
CA ALA D 359 -16.43 24.85 -19.32
C ALA D 359 -15.73 25.43 -20.55
N GLU D 360 -15.53 26.75 -20.54
CA GLU D 360 -14.72 27.46 -21.52
C GLU D 360 -13.36 26.80 -21.70
N THR D 361 -12.76 26.37 -20.58
CA THR D 361 -11.42 25.76 -20.59
C THR D 361 -11.32 24.60 -21.56
N SER D 362 -12.41 23.87 -21.74
CA SER D 362 -12.40 22.71 -22.63
C SER D 362 -13.37 22.86 -23.80
N GLY D 363 -13.82 24.09 -24.07
CA GLY D 363 -14.78 24.36 -25.14
C GLY D 363 -16.12 23.67 -24.96
N ARG D 364 -16.46 23.34 -23.72
CA ARG D 364 -17.64 22.48 -23.46
C ARG D 364 -18.78 23.08 -22.62
N SER D 365 -18.90 24.41 -22.66
CA SER D 365 -19.94 25.09 -21.88
C SER D 365 -21.35 24.68 -22.33
N ASN D 366 -21.48 24.36 -23.63
CA ASN D 366 -22.75 23.91 -24.21
C ASN D 366 -22.91 22.38 -24.33
N ALA D 367 -21.91 21.63 -23.88
CA ALA D 367 -22.00 20.17 -23.85
C ALA D 367 -22.35 19.75 -22.43
N MET D 368 -23.62 19.39 -22.24
CA MET D 368 -24.16 19.21 -20.88
C MET D 368 -23.39 18.08 -20.17
N PRO D 369 -23.02 18.30 -18.91
CA PRO D 369 -22.23 17.33 -18.13
C PRO D 369 -22.97 16.04 -17.86
N HIS D 370 -22.37 14.91 -18.19
CA HIS D 370 -22.83 13.65 -17.67
C HIS D 370 -21.69 13.05 -16.86
N ILE D 371 -20.52 13.67 -16.92
CA ILE D 371 -19.40 13.33 -16.05
C ILE D 371 -19.78 13.68 -14.58
N LYS D 372 -19.13 12.99 -13.64
CA LYS D 372 -19.23 13.31 -12.23
C LYS D 372 -17.81 13.37 -11.73
N THR D 373 -17.52 14.45 -11.01
CA THR D 373 -16.21 14.70 -10.43
C THR D 373 -16.38 15.34 -9.06
N TYR D 374 -15.38 15.16 -8.22
CA TYR D 374 -15.35 15.72 -6.89
C TYR D 374 -13.88 16.06 -6.68
N MET D 375 -13.61 17.16 -5.98
CA MET D 375 -12.23 17.62 -5.82
C MET D 375 -12.09 18.67 -4.70
N ARG D 376 -10.86 18.89 -4.26
CA ARG D 376 -10.56 19.79 -3.17
C ARG D 376 -9.55 20.87 -3.57
N PRO D 377 -10.04 21.98 -4.10
CA PRO D 377 -9.15 23.06 -4.54
C PRO D 377 -8.67 23.90 -3.39
N SER D 378 -7.56 24.59 -3.62
CA SER D 378 -7.09 25.64 -2.69
C SER D 378 -8.03 26.85 -2.70
N PRO D 379 -7.87 27.78 -1.76
CA PRO D 379 -8.78 28.95 -1.71
C PRO D 379 -8.84 29.77 -3.03
N ASP D 380 -7.73 29.87 -3.75
CA ASP D 380 -7.74 30.60 -5.02
C ASP D 380 -7.95 29.70 -6.24
N PHE D 381 -8.30 28.42 -6.01
CA PHE D 381 -8.63 27.46 -7.07
C PHE D 381 -7.47 27.18 -8.04
N SER D 382 -6.25 27.50 -7.64
CA SER D 382 -5.09 27.33 -8.53
C SER D 382 -4.41 26.00 -8.31
N LYS D 383 -4.73 25.34 -7.20
CA LYS D 383 -4.25 23.99 -7.00
C LYS D 383 -5.29 23.06 -6.39
N ILE D 384 -5.06 21.75 -6.51
CA ILE D 384 -5.97 20.77 -5.91
C ILE D 384 -5.22 19.75 -5.04
N ALA D 385 -5.81 19.46 -3.88
CA ALA D 385 -5.31 18.39 -3.01
C ALA D 385 -5.67 16.99 -3.54
N TRP D 386 -6.66 16.88 -4.42
CA TRP D 386 -7.08 15.61 -5.04
C TRP D 386 -8.19 15.83 -6.03
N PHE D 387 -8.40 14.85 -6.91
CA PHE D 387 -9.49 14.90 -7.89
C PHE D 387 -10.06 13.51 -7.98
N LEU D 388 -11.37 13.41 -8.17
CA LEU D 388 -12.06 12.11 -8.31
C LEU D 388 -12.96 12.15 -9.53
N VAL D 389 -12.88 11.14 -10.39
CA VAL D 389 -13.87 11.01 -11.45
C VAL D 389 -14.55 9.69 -11.19
N THR D 390 -15.87 9.68 -11.30
CA THR D 390 -16.66 8.56 -10.86
C THR D 390 -18.01 8.52 -11.56
N SER D 391 -18.69 7.38 -11.45
CA SER D 391 -20.06 7.25 -11.94
C SER D 391 -21.05 7.83 -10.90
N ALA D 392 -20.57 8.03 -9.66
CA ALA D 392 -21.43 8.38 -8.50
C ALA D 392 -22.05 9.78 -8.55
N ASN D 393 -23.37 9.86 -8.66
CA ASN D 393 -24.05 11.15 -8.60
C ASN D 393 -24.24 11.66 -7.16
N LEU D 394 -24.94 12.78 -6.99
CA LEU D 394 -25.15 13.29 -5.64
C LEU D 394 -26.39 12.63 -5.00
N SER D 395 -26.21 11.41 -4.49
CA SER D 395 -27.29 10.67 -3.85
C SER D 395 -26.74 9.75 -2.78
N LYS D 396 -27.59 9.47 -1.77
CA LYS D 396 -27.32 8.48 -0.75
C LYS D 396 -27.21 7.06 -1.32
N ALA D 397 -27.98 6.79 -2.35
CA ALA D 397 -27.97 5.51 -3.01
C ALA D 397 -26.55 5.13 -3.48
N ALA D 398 -25.83 6.13 -4.00
CA ALA D 398 -24.53 5.96 -4.69
C ALA D 398 -23.37 6.08 -3.73
N TRP D 399 -23.51 6.96 -2.75
CA TRP D 399 -22.43 7.27 -1.81
C TRP D 399 -22.55 6.57 -0.45
N GLY D 400 -23.76 6.13 -0.10
CA GLY D 400 -23.98 5.40 1.13
C GLY D 400 -24.52 6.32 2.23
N ALA D 401 -25.40 5.80 3.06
CA ALA D 401 -25.89 6.56 4.24
C ALA D 401 -25.72 5.75 5.50
N LEU D 402 -25.19 6.40 6.54
CA LEU D 402 -25.06 5.79 7.86
C LEU D 402 -26.40 5.37 8.48
N GLU D 403 -26.43 4.13 8.99
CA GLU D 403 -27.56 3.55 9.71
C GLU D 403 -27.04 3.01 11.04
N LYS D 404 -27.97 2.51 11.86
CA LYS D 404 -27.68 1.90 13.16
C LYS D 404 -26.76 2.78 13.97
N ASN D 405 -27.17 4.04 14.11
CA ASN D 405 -26.46 5.03 14.94
C ASN D 405 -24.97 5.22 14.53
N GLY D 406 -24.74 5.50 13.25
CA GLY D 406 -23.41 5.82 12.73
C GLY D 406 -22.40 4.68 12.67
N THR D 407 -22.87 3.43 12.71
CA THR D 407 -21.99 2.27 12.80
C THR D 407 -22.07 1.37 11.55
N GLN D 408 -23.04 1.64 10.68
CA GLN D 408 -23.22 0.83 9.48
C GLN D 408 -23.49 1.75 8.28
N LEU D 409 -22.74 1.55 7.19
CA LEU D 409 -22.95 2.34 6.00
C LEU D 409 -23.85 1.54 5.09
N MET D 410 -24.96 2.12 4.64
CA MET D 410 -25.82 1.44 3.69
C MET D 410 -25.75 2.06 2.30
N ILE D 411 -25.59 1.21 1.30
CA ILE D 411 -25.45 1.63 -0.09
C ILE D 411 -26.41 0.82 -0.94
N ARG D 412 -27.02 1.46 -1.91
CA ARG D 412 -28.03 0.80 -2.74
C ARG D 412 -27.48 0.37 -4.10
N SER D 413 -26.41 1.04 -4.54
CA SER D 413 -25.99 0.96 -5.96
C SER D 413 -24.58 0.46 -6.19
N TYR D 414 -24.29 0.08 -7.44
CA TYR D 414 -22.91 -0.13 -7.87
C TYR D 414 -22.42 1.14 -8.52
N GLU D 415 -21.26 1.61 -8.05
CA GLU D 415 -20.61 2.83 -8.57
C GLU D 415 -19.11 2.56 -8.62
N LEU D 416 -18.39 3.23 -9.52
CA LEU D 416 -16.93 3.09 -9.63
C LEU D 416 -16.29 4.37 -10.05
N GLY D 417 -15.22 4.76 -9.35
CA GLY D 417 -14.42 5.91 -9.70
C GLY D 417 -12.91 5.70 -9.53
N VAL D 418 -12.11 6.68 -9.96
CA VAL D 418 -10.68 6.62 -9.66
C VAL D 418 -10.28 7.94 -9.07
N LEU D 419 -9.48 7.86 -8.02
CA LEU D 419 -9.05 9.01 -7.28
C LEU D 419 -7.59 9.33 -7.59
N PHE D 420 -7.33 10.57 -7.99
CA PHE D 420 -5.99 11.08 -8.21
C PHE D 420 -5.46 11.77 -6.94
N LEU D 421 -4.43 11.20 -6.31
CA LEU D 421 -3.78 11.81 -5.16
C LEU D 421 -2.35 12.21 -5.50
N PRO D 422 -1.98 13.43 -5.11
CA PRO D 422 -0.60 13.90 -5.28
C PRO D 422 0.44 12.91 -4.74
N SER D 423 0.18 12.32 -3.59
CA SER D 423 1.13 11.40 -2.97
C SER D 423 1.47 10.24 -3.90
N ALA D 424 0.54 9.85 -4.77
CA ALA D 424 0.73 8.70 -5.66
C ALA D 424 1.66 9.06 -6.80
N LEU D 425 1.92 10.36 -6.97
CA LEU D 425 2.97 10.84 -7.86
C LEU D 425 4.12 11.47 -7.08
N GLY D 426 4.16 11.25 -5.76
CA GLY D 426 5.14 11.88 -4.89
C GLY D 426 5.01 13.40 -4.68
N LEU D 427 3.79 13.95 -4.85
CA LEU D 427 3.57 15.39 -4.72
C LEU D 427 2.68 15.70 -3.53
N ASP D 428 2.56 17.00 -3.19
CA ASP D 428 1.63 17.48 -2.15
C ASP D 428 0.30 18.00 -2.71
N SER D 429 0.34 18.50 -3.94
CA SER D 429 -0.84 19.06 -4.61
C SER D 429 -0.57 19.03 -6.12
N PHE D 430 -1.63 19.12 -6.91
CA PHE D 430 -1.47 19.32 -8.33
C PHE D 430 -1.80 20.77 -8.63
N LYS D 431 -1.07 21.36 -9.56
CA LYS D 431 -1.49 22.64 -10.12
C LYS D 431 -2.63 22.38 -11.12
N VAL D 432 -3.63 23.25 -11.12
CA VAL D 432 -4.76 23.13 -12.04
C VAL D 432 -4.28 23.60 -13.40
N LYS D 433 -4.58 22.84 -14.45
CA LYS D 433 -4.25 23.29 -15.78
C LYS D 433 -5.35 24.25 -16.25
N GLN D 434 -4.92 25.47 -16.60
CA GLN D 434 -5.82 26.60 -16.87
C GLN D 434 -6.66 26.45 -18.15
N LYS D 435 -6.05 25.87 -19.17
CA LYS D 435 -6.73 25.57 -20.42
C LYS D 435 -6.61 24.07 -20.65
N PHE D 436 -7.73 23.37 -20.59
CA PHE D 436 -7.76 21.91 -20.72
C PHE D 436 -6.92 21.40 -21.91
N MET D 444 2.91 18.77 -17.73
CA MET D 444 3.55 17.76 -16.92
C MET D 444 2.61 17.26 -15.78
N ALA D 445 2.93 17.66 -14.53
CA ALA D 445 2.13 17.35 -13.33
C ALA D 445 1.05 18.43 -13.01
N THR D 446 0.38 18.93 -14.03
CA THR D 446 -0.69 19.85 -13.76
C THR D 446 -1.98 19.18 -14.19
N PHE D 447 -2.94 19.15 -13.28
CA PHE D 447 -4.16 18.38 -13.49
C PHE D 447 -5.14 19.06 -14.43
N PRO D 448 -5.64 18.33 -15.42
CA PRO D 448 -6.61 18.93 -16.33
C PRO D 448 -8.03 18.95 -15.75
N VAL D 449 -8.40 20.02 -15.04
CA VAL D 449 -9.77 20.19 -14.55
C VAL D 449 -10.64 20.59 -15.75
N PRO D 450 -11.61 19.74 -16.10
CA PRO D 450 -12.39 19.87 -17.35
C PRO D 450 -13.35 21.07 -17.45
N TYR D 451 -13.65 21.73 -16.34
CA TYR D 451 -14.58 22.85 -16.35
C TYR D 451 -13.98 24.05 -15.60
N ASP D 452 -14.69 25.17 -15.61
CA ASP D 452 -14.11 26.45 -15.22
C ASP D 452 -14.10 26.60 -13.70
N LEU D 453 -13.11 27.35 -13.21
CA LEU D 453 -13.04 27.77 -11.82
C LEU D 453 -12.79 29.31 -11.70
N PRO D 454 -13.28 29.93 -10.60
CA PRO D 454 -14.11 29.28 -9.60
C PRO D 454 -15.50 29.04 -10.22
N PRO D 455 -16.33 28.16 -9.67
CA PRO D 455 -17.66 27.93 -10.23
C PRO D 455 -18.62 29.13 -9.99
N GLU D 456 -19.51 29.40 -10.93
CA GLU D 456 -20.42 30.53 -10.85
C GLU D 456 -21.77 30.21 -10.19
N LEU D 457 -22.10 30.95 -9.13
CA LEU D 457 -23.36 30.76 -8.43
C LEU D 457 -24.55 30.99 -9.40
N TYR D 458 -25.63 30.24 -9.20
CA TYR D 458 -26.87 30.51 -9.92
C TYR D 458 -27.25 31.97 -9.74
N GLY D 459 -27.89 32.55 -10.75
CA GLY D 459 -28.41 33.90 -10.64
C GLY D 459 -29.72 33.84 -9.86
N SER D 460 -30.25 35.00 -9.50
CA SER D 460 -31.55 35.06 -8.83
C SER D 460 -32.68 34.48 -9.69
N LYS D 461 -32.55 34.60 -11.00
CA LYS D 461 -33.56 34.06 -11.92
C LYS D 461 -33.34 32.58 -12.36
N ASP D 462 -32.24 31.98 -11.91
CA ASP D 462 -31.89 30.64 -12.34
C ASP D 462 -32.56 29.58 -11.50
N ARG D 463 -32.79 28.43 -12.12
CA ARG D 463 -33.33 27.29 -11.45
C ARG D 463 -32.60 26.02 -11.91
N PRO D 464 -32.46 25.07 -11.00
CA PRO D 464 -31.86 23.77 -11.32
C PRO D 464 -32.69 23.06 -12.40
N TRP D 465 -32.02 22.44 -13.38
CA TRP D 465 -32.77 21.67 -14.37
C TRP D 465 -33.56 20.58 -13.64
N ILE D 466 -34.87 20.52 -13.90
CA ILE D 466 -35.76 19.51 -13.31
C ILE D 466 -36.47 18.90 -14.49
N TRP D 467 -36.42 17.58 -14.61
CA TRP D 467 -36.75 16.98 -15.89
C TRP D 467 -38.24 16.76 -16.22
N ASN D 468 -39.08 16.71 -15.19
CA ASN D 468 -40.48 16.37 -15.39
C ASN D 468 -41.47 17.52 -15.14
N ILE D 469 -41.06 18.75 -15.44
CA ILE D 469 -41.97 19.89 -15.44
C ILE D 469 -41.72 20.55 -16.78
N PRO D 470 -42.69 21.33 -17.26
CA PRO D 470 -42.57 21.91 -18.59
C PRO D 470 -41.75 23.20 -18.60
N TYR D 471 -41.09 23.44 -19.74
CA TYR D 471 -40.44 24.71 -19.97
C TYR D 471 -40.97 25.21 -21.30
N VAL D 472 -41.79 26.26 -21.20
CA VAL D 472 -42.48 26.84 -22.35
C VAL D 472 -42.25 28.34 -22.52
N LYS D 473 -41.43 28.94 -21.67
CA LYS D 473 -41.22 30.37 -21.73
C LYS D 473 -40.33 30.74 -22.90
N ALA D 474 -39.29 29.94 -23.11
CA ALA D 474 -38.28 30.24 -24.12
C ALA D 474 -37.82 28.97 -24.85
N PRO D 475 -37.64 29.04 -26.16
CA PRO D 475 -37.25 27.85 -26.94
C PRO D 475 -35.77 27.52 -26.86
N ASP D 476 -35.44 26.25 -27.10
CA ASP D 476 -34.06 25.78 -27.07
C ASP D 476 -33.40 26.00 -28.41
N THR D 477 -32.13 25.61 -28.49
CA THR D 477 -31.32 25.77 -29.69
C THR D 477 -31.85 25.05 -30.93
N HIS D 478 -32.82 24.13 -30.76
CA HIS D 478 -33.40 23.40 -31.90
C HIS D 478 -34.76 23.97 -32.32
N GLY D 479 -35.26 24.94 -31.54
CA GLY D 479 -36.50 25.61 -31.85
C GLY D 479 -37.65 25.12 -31.01
N ASN D 480 -37.37 24.20 -30.09
CA ASN D 480 -38.40 23.55 -29.29
C ASN D 480 -38.56 24.01 -27.84
N MET D 481 -39.74 23.68 -27.28
CA MET D 481 -40.05 23.83 -25.86
C MET D 481 -39.98 22.44 -25.26
N TRP D 482 -40.25 22.34 -23.96
CA TRP D 482 -40.16 21.07 -23.21
C TRP D 482 -41.44 20.76 -22.46
N VAL D 483 -42.10 19.66 -22.82
CA VAL D 483 -43.39 19.24 -22.29
C VAL D 483 -43.38 17.76 -21.96
N PRO D 484 -43.06 17.42 -20.72
CA PRO D 484 -42.93 16.00 -20.29
C PRO D 484 -44.25 15.21 -20.31
N LYS E 1 31.17 1.16 20.60
CA LYS E 1 31.25 -0.08 21.40
C LYS E 1 31.86 -1.10 20.45
N LEU E 2 32.90 -1.82 20.90
CA LEU E 2 33.58 -2.77 20.02
C LEU E 2 33.01 -4.18 20.09
N ASN E 3 32.28 -4.50 21.17
CA ASN E 3 31.55 -5.77 21.29
C ASN E 3 30.67 -5.66 22.52
N TYR E 4 29.99 -6.74 22.92
CA TYR E 4 29.11 -6.68 24.11
C TYR E 4 29.93 -6.57 25.41
N LEU E 5 31.21 -6.98 25.37
CA LEU E 5 32.10 -6.93 26.54
C LEU E 5 33.09 -5.75 26.55
#